data_2VKX
#
_entry.id   2VKX
#
_cell.length_a   92.419
_cell.length_b   107.573
_cell.length_c   161.124
_cell.angle_alpha   90.00
_cell.angle_beta   90.00
_cell.angle_gamma   90.00
#
_symmetry.space_group_name_H-M   'P 21 21 21'
#
loop_
_entity.id
_entity.type
_entity.pdbx_description
1 polymer 'NEURAL CELL ADHESION MOLECULE'
2 non-polymer 'SULFATE ION'
3 water water
#
_entity_poly.entity_id   1
_entity_poly.type   'polypeptide(L)'
_entity_poly.pdbx_seq_one_letter_code
;APLAQADTPSSPSIDQVEPYSSTAQVQFDEPEATGGVPILKYKAEWRAVGEEVWHSKWYDAKEASMEGIVTIVGLKPETT
YAVRLAALNGKGLGEISAASEFKTQPVREPSAPKLEGQRGEDGNSIKVNLIKQDDGGSPIRHYLVRYRALSSEWKPEIRL
PSGSDHVMLKSLDWNAEYEVYVVAENQQGKSKAAHFVFRTAAAHHHHHH
;
_entity_poly.pdbx_strand_id   A,B,C,D,E,F
#
# COMPACT_ATOMS: atom_id res chain seq x y z
N ALA A 6 9.51 -30.52 -53.68
CA ALA A 6 9.78 -29.71 -54.92
C ALA A 6 9.50 -28.23 -54.69
N ASP A 7 8.76 -27.93 -53.62
CA ASP A 7 8.43 -26.55 -53.30
C ASP A 7 9.08 -26.08 -52.00
N THR A 8 9.04 -24.76 -51.77
CA THR A 8 9.58 -24.18 -50.55
C THR A 8 8.48 -24.23 -49.49
N PRO A 9 8.84 -24.22 -48.20
CA PRO A 9 7.85 -24.29 -47.13
C PRO A 9 6.91 -23.09 -47.03
N SER A 10 5.73 -23.32 -46.47
CA SER A 10 4.76 -22.24 -46.26
C SER A 10 5.24 -21.59 -44.97
N SER A 11 4.73 -20.41 -44.65
CA SER A 11 5.19 -19.71 -43.44
C SER A 11 4.94 -20.37 -42.10
N PRO A 12 5.89 -20.24 -41.18
CA PRO A 12 5.67 -20.85 -39.87
C PRO A 12 4.69 -19.88 -39.21
N SER A 13 4.00 -20.31 -38.17
CA SER A 13 3.06 -19.43 -37.49
C SER A 13 3.53 -19.15 -36.09
N ILE A 14 3.56 -17.88 -35.72
CA ILE A 14 3.98 -17.54 -34.37
C ILE A 14 2.79 -17.63 -33.43
N ASP A 15 2.96 -18.37 -32.33
CA ASP A 15 1.90 -18.52 -31.35
C ASP A 15 2.19 -17.70 -30.09
N GLN A 16 3.45 -17.70 -29.69
CA GLN A 16 3.85 -16.99 -28.49
C GLN A 16 5.16 -16.25 -28.65
N VAL A 17 5.29 -15.19 -27.89
CA VAL A 17 6.53 -14.43 -27.84
C VAL A 17 6.65 -13.95 -26.41
N GLU A 18 7.36 -14.69 -25.58
CA GLU A 18 7.55 -14.30 -24.19
C GLU A 18 8.82 -13.49 -24.11
N PRO A 19 8.71 -12.17 -23.93
CA PRO A 19 9.90 -11.32 -23.85
C PRO A 19 10.49 -11.24 -22.44
N TYR A 20 11.80 -11.20 -22.39
CA TYR A 20 12.55 -11.08 -21.16
C TYR A 20 13.46 -9.88 -21.39
N SER A 21 14.44 -9.70 -20.54
CA SER A 21 15.32 -8.55 -20.66
C SER A 21 16.21 -8.56 -21.90
N SER A 22 16.96 -9.63 -22.09
CA SER A 22 17.87 -9.70 -23.25
C SER A 22 17.58 -10.87 -24.18
N THR A 23 16.62 -11.71 -23.80
CA THR A 23 16.23 -12.84 -24.63
C THR A 23 14.72 -12.82 -24.81
N ALA A 24 14.25 -13.59 -25.78
CA ALA A 24 12.83 -13.68 -26.06
C ALA A 24 12.56 -15.09 -26.56
N GLN A 25 11.54 -15.74 -26.01
CA GLN A 25 11.23 -17.08 -26.44
C GLN A 25 10.09 -17.03 -27.44
N VAL A 26 10.33 -17.64 -28.60
CA VAL A 26 9.32 -17.66 -29.63
C VAL A 26 8.75 -19.05 -29.80
N GLN A 27 7.45 -19.16 -29.58
CA GLN A 27 6.72 -20.41 -29.69
C GLN A 27 6.03 -20.36 -31.04
N PHE A 28 6.19 -21.41 -31.84
CA PHE A 28 5.59 -21.44 -33.17
C PHE A 28 5.10 -22.81 -33.61
N ASP A 29 4.33 -22.80 -34.69
CA ASP A 29 3.80 -24.00 -35.29
C ASP A 29 4.55 -24.24 -36.60
N GLU A 30 4.73 -25.51 -36.94
CA GLU A 30 5.40 -25.85 -38.18
C GLU A 30 4.55 -25.33 -39.33
N PRO A 31 5.15 -25.14 -40.51
CA PRO A 31 4.38 -24.66 -41.65
C PRO A 31 3.30 -25.68 -42.03
N GLU A 32 2.23 -25.22 -42.68
CA GLU A 32 1.17 -26.15 -43.09
C GLU A 32 1.72 -27.05 -44.18
N ALA A 33 2.51 -26.47 -45.09
CA ALA A 33 3.09 -27.23 -46.18
C ALA A 33 4.61 -27.18 -46.11
N THR A 34 5.24 -28.35 -46.20
CA THR A 34 6.69 -28.46 -46.14
C THR A 34 7.32 -28.25 -47.51
N GLY A 35 6.50 -28.25 -48.55
CA GLY A 35 7.00 -28.05 -49.90
C GLY A 35 7.34 -29.34 -50.62
N GLY A 36 7.49 -30.42 -49.87
CA GLY A 36 7.81 -31.71 -50.48
C GLY A 36 9.08 -32.29 -49.89
N VAL A 37 9.85 -31.46 -49.21
CA VAL A 37 11.09 -31.87 -48.58
C VAL A 37 11.01 -31.53 -47.08
N PRO A 38 11.49 -32.44 -46.22
CA PRO A 38 11.47 -32.20 -44.77
C PRO A 38 12.13 -30.87 -44.40
N ILE A 39 11.62 -30.23 -43.37
CA ILE A 39 12.18 -28.95 -42.89
C ILE A 39 13.47 -29.20 -42.13
N LEU A 40 14.54 -28.52 -42.55
CA LEU A 40 15.85 -28.67 -41.95
C LEU A 40 16.19 -27.65 -40.86
N LYS A 41 15.99 -26.37 -41.19
CA LYS A 41 16.29 -25.30 -40.26
C LYS A 41 15.22 -24.22 -40.22
N TYR A 42 15.34 -23.33 -39.24
CA TYR A 42 14.41 -22.22 -39.09
C TYR A 42 15.26 -20.97 -39.02
N LYS A 43 14.92 -19.98 -39.84
CA LYS A 43 15.65 -18.73 -39.84
C LYS A 43 14.87 -17.70 -39.03
N ALA A 44 15.44 -17.26 -37.92
CA ALA A 44 14.76 -16.28 -37.11
C ALA A 44 15.29 -14.91 -37.52
N GLU A 45 14.39 -13.95 -37.63
CA GLU A 45 14.76 -12.59 -37.99
C GLU A 45 14.09 -11.63 -37.01
N TRP A 46 14.88 -10.74 -36.43
CA TRP A 46 14.33 -9.76 -35.51
C TRP A 46 14.94 -8.42 -35.83
N ARG A 47 14.21 -7.36 -35.52
CA ARG A 47 14.67 -6.01 -35.80
C ARG A 47 14.18 -5.04 -34.72
N ALA A 48 15.06 -4.15 -34.29
CA ALA A 48 14.70 -3.15 -33.31
C ALA A 48 13.85 -2.14 -34.06
N VAL A 49 12.70 -1.78 -33.49
CA VAL A 49 11.83 -0.81 -34.15
C VAL A 49 12.59 0.48 -34.42
N GLY A 50 12.85 0.74 -35.70
CA GLY A 50 13.59 1.92 -36.07
C GLY A 50 14.84 1.54 -36.84
N GLU A 51 15.17 0.25 -36.87
CA GLU A 51 16.34 -0.19 -37.61
C GLU A 51 15.86 -0.57 -38.99
N GLU A 52 16.78 -0.75 -39.92
CA GLU A 52 16.43 -1.11 -41.28
C GLU A 52 16.73 -2.58 -41.49
N VAL A 53 17.96 -2.94 -41.15
CA VAL A 53 18.43 -4.31 -41.31
C VAL A 53 17.85 -5.24 -40.28
N TRP A 54 17.68 -6.50 -40.67
CA TRP A 54 17.15 -7.53 -39.79
C TRP A 54 18.27 -8.44 -39.34
N HIS A 55 18.31 -8.74 -38.05
CA HIS A 55 19.30 -9.64 -37.48
C HIS A 55 18.75 -11.05 -37.72
N SER A 56 19.64 -12.02 -37.93
CA SER A 56 19.17 -13.37 -38.17
C SER A 56 19.98 -14.42 -37.41
N LYS A 57 19.48 -15.65 -37.45
CA LYS A 57 20.11 -16.79 -36.79
C LYS A 57 19.39 -18.05 -37.26
N TRP A 58 20.14 -19.12 -37.50
CA TRP A 58 19.57 -20.40 -37.91
C TRP A 58 19.35 -21.29 -36.68
N TYR A 59 18.28 -22.07 -36.73
CA TYR A 59 17.93 -22.99 -35.64
C TYR A 59 17.67 -24.38 -36.25
N ASP A 60 18.20 -25.43 -35.63
CA ASP A 60 17.99 -26.78 -36.12
C ASP A 60 16.52 -27.14 -35.96
N ALA A 61 15.88 -27.57 -37.05
CA ALA A 61 14.48 -27.94 -37.01
C ALA A 61 14.15 -29.03 -35.99
N LYS A 62 14.99 -30.06 -35.94
CA LYS A 62 14.73 -31.15 -34.99
C LYS A 62 14.76 -30.68 -33.54
N GLU A 63 15.71 -29.82 -33.19
CA GLU A 63 15.79 -29.34 -31.81
C GLU A 63 14.67 -28.35 -31.54
N ALA A 64 14.43 -27.47 -32.51
CA ALA A 64 13.38 -26.47 -32.37
C ALA A 64 12.02 -27.10 -32.09
N SER A 65 11.70 -28.16 -32.81
CA SER A 65 10.43 -28.84 -32.64
C SER A 65 10.33 -29.66 -31.36
N MET A 66 11.46 -30.14 -30.85
CA MET A 66 11.44 -30.92 -29.63
C MET A 66 11.41 -30.01 -28.42
N GLU A 67 11.43 -28.71 -28.68
CA GLU A 67 11.40 -27.71 -27.62
C GLU A 67 10.09 -26.93 -27.73
N GLY A 68 9.64 -26.73 -28.97
CA GLY A 68 8.42 -25.99 -29.21
C GLY A 68 8.77 -24.51 -29.32
N ILE A 69 9.99 -24.19 -28.91
CA ILE A 69 10.47 -22.82 -28.95
C ILE A 69 11.85 -22.64 -29.57
N VAL A 70 12.18 -21.37 -29.79
CA VAL A 70 13.48 -20.97 -30.31
C VAL A 70 13.71 -19.67 -29.56
N THR A 71 14.87 -19.54 -28.92
CA THR A 71 15.20 -18.35 -28.15
C THR A 71 16.20 -17.43 -28.82
N ILE A 72 15.77 -16.21 -29.11
CA ILE A 72 16.67 -15.26 -29.68
C ILE A 72 17.32 -14.61 -28.44
N VAL A 73 18.61 -14.34 -28.53
CA VAL A 73 19.34 -13.77 -27.42
C VAL A 73 20.04 -12.47 -27.78
N GLY A 74 20.78 -11.93 -26.82
CA GLY A 74 21.53 -10.70 -27.05
C GLY A 74 20.73 -9.47 -27.39
N LEU A 75 19.52 -9.36 -26.87
CA LEU A 75 18.68 -8.19 -27.14
C LEU A 75 18.95 -7.15 -26.07
N LYS A 76 18.58 -5.89 -26.36
CA LYS A 76 18.75 -4.80 -25.38
C LYS A 76 17.49 -4.71 -24.53
N PRO A 77 17.65 -4.46 -23.23
CA PRO A 77 16.46 -4.36 -22.39
C PRO A 77 15.61 -3.15 -22.76
N GLU A 78 14.29 -3.28 -22.62
CA GLU A 78 13.38 -2.18 -22.91
C GLU A 78 13.44 -1.64 -24.30
N THR A 79 13.40 -2.52 -25.28
CA THR A 79 13.44 -2.10 -26.66
C THR A 79 12.30 -2.76 -27.38
N THR A 80 11.73 -2.05 -28.34
CA THR A 80 10.64 -2.61 -29.10
C THR A 80 11.29 -3.33 -30.26
N TYR A 81 10.82 -4.55 -30.50
CA TYR A 81 11.35 -5.39 -31.56
C TYR A 81 10.24 -5.98 -32.42
N ALA A 82 10.63 -6.44 -33.60
CA ALA A 82 9.72 -7.07 -34.52
C ALA A 82 10.46 -8.39 -34.76
N VAL A 83 9.72 -9.49 -34.84
CA VAL A 83 10.35 -10.78 -35.07
C VAL A 83 9.51 -11.65 -36.01
N ARG A 84 10.18 -12.41 -36.88
CA ARG A 84 9.49 -13.28 -37.83
C ARG A 84 10.32 -14.51 -38.16
N LEU A 85 9.64 -15.56 -38.65
CA LEU A 85 10.28 -16.82 -38.98
C LEU A 85 10.06 -17.28 -40.41
N ALA A 86 10.93 -18.21 -40.83
CA ALA A 86 10.88 -18.82 -42.15
C ALA A 86 11.44 -20.24 -42.01
N ALA A 87 10.98 -21.15 -42.85
CA ALA A 87 11.43 -22.54 -42.81
C ALA A 87 12.27 -22.86 -44.03
N LEU A 88 13.37 -23.56 -43.84
CA LEU A 88 14.25 -23.91 -44.94
C LEU A 88 14.29 -25.41 -45.19
N ASN A 89 14.04 -25.82 -46.43
CA ASN A 89 14.10 -27.23 -46.74
C ASN A 89 15.08 -27.40 -47.89
N GLY A 90 15.34 -28.64 -48.30
CA GLY A 90 16.26 -28.90 -49.39
C GLY A 90 16.11 -27.98 -50.59
N LYS A 91 14.88 -27.70 -50.98
CA LYS A 91 14.59 -26.84 -52.13
C LYS A 91 14.98 -25.38 -51.88
N GLY A 92 14.74 -24.88 -50.68
CA GLY A 92 15.09 -23.50 -50.40
C GLY A 92 14.39 -22.90 -49.20
N LEU A 93 14.40 -21.58 -49.12
CA LEU A 93 13.78 -20.89 -48.00
C LEU A 93 12.32 -20.58 -48.31
N GLY A 94 11.46 -20.78 -47.32
CA GLY A 94 10.04 -20.54 -47.50
C GLY A 94 9.60 -19.12 -47.18
N GLU A 95 8.29 -18.88 -47.30
CA GLU A 95 7.71 -17.57 -47.03
C GLU A 95 7.84 -17.24 -45.56
N ILE A 96 8.14 -15.99 -45.25
CA ILE A 96 8.28 -15.57 -43.85
C ILE A 96 6.95 -15.27 -43.18
N SER A 97 6.89 -15.55 -41.89
CA SER A 97 5.69 -15.31 -41.09
C SER A 97 5.37 -13.82 -40.97
N ALA A 98 4.20 -13.53 -40.42
CA ALA A 98 3.81 -12.16 -40.17
C ALA A 98 4.70 -11.72 -39.02
N ALA A 99 5.14 -10.47 -39.05
CA ALA A 99 6.03 -9.93 -38.04
C ALA A 99 5.41 -9.60 -36.68
N SER A 100 5.66 -10.47 -35.71
CA SER A 100 5.15 -10.27 -34.36
C SER A 100 5.97 -9.16 -33.69
N GLU A 101 5.33 -8.34 -32.87
CA GLU A 101 6.03 -7.24 -32.21
C GLU A 101 6.00 -7.34 -30.70
N PHE A 102 7.14 -7.04 -30.07
CA PHE A 102 7.27 -7.12 -28.63
C PHE A 102 8.25 -6.10 -28.05
N LYS A 103 8.25 -5.96 -26.73
CA LYS A 103 9.16 -5.04 -26.05
C LYS A 103 9.82 -5.81 -24.93
N THR A 104 11.14 -5.76 -24.85
CA THR A 104 11.87 -6.49 -23.81
C THR A 104 11.74 -5.84 -22.44
N GLN A 105 11.85 -6.67 -21.41
CA GLN A 105 11.73 -6.17 -20.03
C GLN A 105 12.98 -5.44 -19.58
N PRO A 106 12.86 -4.63 -18.51
CA PRO A 106 14.01 -3.90 -18.02
C PRO A 106 14.82 -4.80 -17.08
N VAL A 107 16.10 -4.51 -16.92
CA VAL A 107 16.91 -5.29 -16.01
C VAL A 107 16.63 -4.80 -14.60
N ARG A 108 16.33 -5.73 -13.70
CA ARG A 108 16.04 -5.42 -12.30
C ARG A 108 17.08 -6.12 -11.42
N GLU A 109 17.18 -5.72 -10.16
CA GLU A 109 18.15 -6.34 -9.27
C GLU A 109 17.72 -7.80 -9.11
N PRO A 110 18.65 -8.68 -8.74
CA PRO A 110 18.36 -10.10 -8.57
C PRO A 110 17.46 -10.33 -7.36
N SER A 111 16.71 -11.42 -7.38
CA SER A 111 15.89 -11.73 -6.23
C SER A 111 16.84 -12.51 -5.33
N ALA A 112 16.50 -12.67 -4.06
CA ALA A 112 17.36 -13.37 -3.12
C ALA A 112 17.38 -14.87 -3.35
N PRO A 113 18.51 -15.52 -3.07
CA PRO A 113 18.59 -16.97 -3.25
C PRO A 113 18.00 -17.67 -2.04
N LYS A 114 17.55 -18.90 -2.21
CA LYS A 114 17.01 -19.69 -1.10
C LYS A 114 18.24 -20.37 -0.50
N LEU A 115 18.26 -20.53 0.82
CA LEU A 115 19.39 -21.17 1.48
C LEU A 115 18.96 -22.47 2.14
N GLU A 116 19.87 -23.44 2.15
CA GLU A 116 19.61 -24.75 2.75
C GLU A 116 20.83 -25.18 3.55
N GLY A 117 20.62 -25.43 4.84
CA GLY A 117 21.71 -25.86 5.70
C GLY A 117 21.91 -27.36 5.61
N GLN A 118 23.17 -27.76 5.74
CA GLN A 118 23.57 -29.17 5.70
C GLN A 118 24.76 -29.31 6.64
N ARG A 119 24.99 -30.52 7.13
CA ARG A 119 26.12 -30.80 8.01
C ARG A 119 27.44 -30.65 7.27
N GLY A 120 28.46 -30.24 8.01
CA GLY A 120 29.79 -30.08 7.43
C GLY A 120 30.63 -31.25 7.93
N GLU A 121 31.95 -31.19 7.74
CA GLU A 121 32.79 -32.30 8.21
C GLU A 121 32.75 -32.47 9.73
N ASP A 122 32.63 -31.37 10.46
CA ASP A 122 32.62 -31.43 11.91
C ASP A 122 31.54 -30.57 12.55
N GLY A 123 31.39 -30.73 13.86
CA GLY A 123 30.38 -29.99 14.60
C GLY A 123 30.56 -28.48 14.64
N ASN A 124 31.77 -28.01 14.39
CA ASN A 124 32.04 -26.59 14.41
C ASN A 124 32.04 -25.98 13.01
N SER A 125 31.34 -26.63 12.09
CA SER A 125 31.26 -26.15 10.71
C SER A 125 29.91 -26.47 10.08
N ILE A 126 29.47 -25.62 9.16
CA ILE A 126 28.21 -25.86 8.45
C ILE A 126 28.34 -25.58 6.96
N LYS A 127 27.57 -26.31 6.17
CA LYS A 127 27.59 -26.12 4.72
C LYS A 127 26.25 -25.52 4.31
N VAL A 128 26.32 -24.39 3.60
CA VAL A 128 25.13 -23.69 3.15
C VAL A 128 24.96 -23.88 1.64
N ASN A 129 23.99 -24.70 1.26
CA ASN A 129 23.73 -24.99 -0.15
C ASN A 129 22.88 -23.88 -0.73
N LEU A 130 23.20 -23.46 -1.96
CA LEU A 130 22.45 -22.39 -2.58
C LEU A 130 21.40 -22.89 -3.57
N ILE A 131 20.21 -22.32 -3.50
CA ILE A 131 19.16 -22.67 -4.44
C ILE A 131 18.95 -21.39 -5.24
N LYS A 132 19.37 -21.41 -6.51
CA LYS A 132 19.27 -20.23 -7.37
C LYS A 132 17.85 -19.73 -7.64
N GLN A 133 17.74 -18.41 -7.79
CA GLN A 133 16.48 -17.72 -8.05
C GLN A 133 16.62 -16.71 -9.20
N ASP A 134 15.48 -16.16 -9.59
CA ASP A 134 15.40 -15.18 -10.66
C ASP A 134 16.53 -14.16 -10.49
N ASP A 135 17.33 -13.92 -11.53
CA ASP A 135 18.44 -12.96 -11.43
C ASP A 135 18.15 -11.53 -11.84
N GLY A 136 16.92 -11.23 -12.22
CA GLY A 136 16.58 -9.87 -12.59
C GLY A 136 16.66 -9.51 -14.07
N GLY A 137 17.12 -10.46 -14.88
CA GLY A 137 17.22 -10.21 -16.31
C GLY A 137 18.65 -10.02 -16.77
N SER A 138 19.58 -10.15 -15.82
CA SER A 138 21.00 -10.00 -16.11
C SER A 138 21.83 -11.02 -15.33
N PRO A 139 22.85 -11.59 -15.97
CA PRO A 139 23.71 -12.59 -15.31
C PRO A 139 24.11 -12.16 -13.90
N ILE A 140 24.35 -13.13 -13.03
CA ILE A 140 24.75 -12.82 -11.67
C ILE A 140 26.27 -12.71 -11.63
N ARG A 141 26.75 -11.59 -11.11
CA ARG A 141 28.17 -11.32 -11.03
C ARG A 141 28.81 -12.08 -9.87
N HIS A 142 28.28 -11.90 -8.67
CA HIS A 142 28.80 -12.56 -7.46
C HIS A 142 27.70 -12.84 -6.47
N TYR A 143 28.08 -13.54 -5.41
CA TYR A 143 27.23 -13.86 -4.26
C TYR A 143 28.09 -13.34 -3.13
N LEU A 144 27.52 -12.50 -2.28
CA LEU A 144 28.28 -11.93 -1.18
C LEU A 144 27.82 -12.56 0.11
N VAL A 145 28.73 -13.28 0.77
CA VAL A 145 28.40 -13.94 2.03
C VAL A 145 29.01 -13.25 3.26
N ARG A 146 28.19 -13.06 4.28
CA ARG A 146 28.60 -12.43 5.52
C ARG A 146 28.06 -13.26 6.66
N TYR A 147 28.87 -13.44 7.70
CA TYR A 147 28.41 -14.21 8.83
C TYR A 147 29.08 -13.77 10.11
N ARG A 148 28.52 -14.18 11.24
CA ARG A 148 29.07 -13.83 12.53
C ARG A 148 28.41 -14.57 13.66
N ALA A 149 29.07 -14.53 14.80
CA ALA A 149 28.55 -15.16 15.99
C ALA A 149 27.74 -14.02 16.59
N LEU A 150 26.44 -14.22 16.76
CA LEU A 150 25.57 -13.18 17.31
C LEU A 150 26.27 -12.30 18.36
N SER A 151 25.87 -11.02 18.39
CA SER A 151 26.42 -10.03 19.32
C SER A 151 27.94 -9.88 19.21
N SER A 152 28.50 -10.29 18.07
CA SER A 152 29.93 -10.20 17.85
C SER A 152 30.18 -9.60 16.47
N GLU A 153 31.44 -9.26 16.16
CA GLU A 153 31.79 -8.64 14.88
C GLU A 153 31.73 -9.57 13.67
N TRP A 154 31.47 -8.98 12.50
CA TRP A 154 31.39 -9.73 11.26
C TRP A 154 32.76 -10.20 10.79
N LYS A 155 32.86 -11.46 10.40
CA LYS A 155 34.13 -11.95 9.87
C LYS A 155 34.28 -11.25 8.51
N PRO A 156 35.46 -11.36 7.89
CA PRO A 156 35.61 -10.70 6.58
C PRO A 156 34.61 -11.25 5.56
N GLU A 157 34.01 -10.37 4.77
CA GLU A 157 33.03 -10.75 3.76
C GLU A 157 33.60 -11.67 2.65
N ILE A 158 32.81 -12.67 2.25
CA ILE A 158 33.22 -13.62 1.20
C ILE A 158 32.55 -13.38 -0.15
N ARG A 159 33.35 -13.35 -1.21
CA ARG A 159 32.84 -13.15 -2.57
C ARG A 159 32.80 -14.50 -3.29
N LEU A 160 31.67 -14.84 -3.89
CA LEU A 160 31.55 -16.11 -4.57
C LEU A 160 31.12 -15.98 -6.03
N PRO A 161 31.64 -16.86 -6.90
CA PRO A 161 31.34 -16.87 -8.34
C PRO A 161 29.88 -17.27 -8.56
N SER A 162 29.27 -16.73 -9.61
CA SER A 162 27.88 -17.04 -9.91
C SER A 162 27.60 -18.54 -9.97
N GLY A 163 28.57 -19.31 -10.43
CA GLY A 163 28.42 -20.75 -10.53
C GLY A 163 28.50 -21.54 -9.23
N SER A 164 28.89 -20.88 -8.13
CA SER A 164 28.98 -21.52 -6.82
C SER A 164 27.65 -22.18 -6.47
N ASP A 165 27.73 -23.36 -5.87
CA ASP A 165 26.53 -24.08 -5.49
C ASP A 165 26.34 -24.12 -3.99
N HIS A 166 27.44 -23.89 -3.26
CA HIS A 166 27.38 -23.91 -1.81
C HIS A 166 28.50 -23.04 -1.27
N VAL A 167 28.51 -22.88 0.05
CA VAL A 167 29.53 -22.12 0.74
C VAL A 167 29.73 -22.87 2.04
N MET A 168 30.99 -23.16 2.35
CA MET A 168 31.33 -23.88 3.57
C MET A 168 31.87 -22.92 4.61
N LEU A 169 31.42 -23.07 5.84
CA LEU A 169 31.86 -22.25 6.95
C LEU A 169 32.47 -23.18 7.99
N LYS A 170 33.78 -23.40 7.90
CA LYS A 170 34.52 -24.30 8.79
C LYS A 170 35.16 -23.54 9.95
N SER A 171 35.93 -24.29 10.74
CA SER A 171 36.65 -23.77 11.90
C SER A 171 35.93 -22.69 12.70
N LEU A 172 34.69 -22.95 13.12
CA LEU A 172 33.90 -22.00 13.88
C LEU A 172 34.09 -22.23 15.37
N ASP A 173 33.53 -21.36 16.20
CA ASP A 173 33.62 -21.55 17.65
C ASP A 173 32.61 -22.62 18.04
N TRP A 174 32.92 -23.38 19.08
CA TRP A 174 32.02 -24.44 19.54
C TRP A 174 30.93 -23.89 20.46
N ASN A 175 29.78 -24.54 20.44
CA ASN A 175 28.64 -24.14 21.28
C ASN A 175 28.30 -22.66 21.10
N ALA A 176 28.38 -22.19 19.85
CA ALA A 176 28.13 -20.80 19.50
C ALA A 176 27.08 -20.65 18.40
N GLU A 177 26.33 -19.54 18.48
CA GLU A 177 25.26 -19.24 17.53
C GLU A 177 25.68 -18.23 16.48
N TYR A 178 25.45 -18.58 15.23
CA TYR A 178 25.82 -17.73 14.11
C TYR A 178 24.67 -17.36 13.19
N GLU A 179 24.88 -16.29 12.41
CA GLU A 179 23.89 -15.86 11.42
C GLU A 179 24.66 -15.60 10.12
N VAL A 180 24.13 -16.14 9.03
CA VAL A 180 24.74 -15.96 7.72
C VAL A 180 23.84 -15.14 6.83
N TYR A 181 24.43 -14.20 6.11
CA TYR A 181 23.70 -13.37 5.16
C TYR A 181 24.25 -13.60 3.75
N VAL A 182 23.36 -13.91 2.83
CA VAL A 182 23.78 -14.15 1.45
C VAL A 182 23.03 -13.22 0.52
N VAL A 183 23.78 -12.49 -0.30
CA VAL A 183 23.18 -11.57 -1.25
C VAL A 183 23.62 -11.92 -2.67
N ALA A 184 22.71 -11.76 -3.62
CA ALA A 184 23.00 -12.04 -5.02
C ALA A 184 23.21 -10.68 -5.68
N GLU A 185 24.20 -10.59 -6.56
CA GLU A 185 24.48 -9.32 -7.20
C GLU A 185 24.78 -9.39 -8.69
N ASN A 186 24.19 -8.47 -9.44
CA ASN A 186 24.40 -8.37 -10.88
C ASN A 186 24.84 -6.95 -11.28
N GLN A 187 24.95 -6.71 -12.59
CA GLN A 187 25.39 -5.42 -13.10
C GLN A 187 24.45 -4.29 -12.68
N GLN A 188 23.28 -4.64 -12.19
CA GLN A 188 22.27 -3.67 -11.79
C GLN A 188 22.26 -3.35 -10.29
N GLY A 189 22.81 -4.26 -9.48
CA GLY A 189 22.83 -4.03 -8.04
C GLY A 189 22.66 -5.27 -7.19
N LYS A 190 22.43 -5.07 -5.90
CA LYS A 190 22.27 -6.16 -4.94
C LYS A 190 20.81 -6.51 -4.60
N SER A 191 20.61 -7.77 -4.25
CA SER A 191 19.31 -8.30 -3.89
C SER A 191 19.08 -8.13 -2.40
N LYS A 192 17.90 -8.51 -1.96
CA LYS A 192 17.60 -8.48 -0.54
C LYS A 192 18.47 -9.61 0.01
N ALA A 193 18.89 -9.51 1.26
CA ALA A 193 19.72 -10.58 1.81
C ALA A 193 18.88 -11.73 2.34
N ALA A 194 19.36 -12.93 2.10
CA ALA A 194 18.71 -14.13 2.59
C ALA A 194 19.50 -14.46 3.84
N HIS A 195 18.83 -14.56 4.99
CA HIS A 195 19.52 -14.89 6.22
C HIS A 195 19.27 -16.33 6.65
N PHE A 196 20.20 -16.86 7.42
CA PHE A 196 20.14 -18.23 7.90
C PHE A 196 20.83 -18.27 9.27
N VAL A 197 20.18 -18.87 10.25
CA VAL A 197 20.76 -18.95 11.58
C VAL A 197 20.99 -20.38 12.04
N PHE A 198 22.17 -20.64 12.60
CA PHE A 198 22.51 -21.97 13.07
C PHE A 198 23.36 -21.93 14.34
N ARG A 199 23.58 -23.11 14.90
CA ARG A 199 24.33 -23.26 16.12
C ARG A 199 25.24 -24.50 16.10
N THR A 200 26.53 -24.27 16.31
CA THR A 200 27.49 -25.35 16.31
C THR A 200 27.29 -26.24 17.52
N ALA A 201 27.89 -27.42 17.47
CA ALA A 201 27.78 -28.39 18.56
C ALA A 201 28.61 -27.95 19.78
N ALA A 202 28.44 -28.66 20.88
CA ALA A 202 29.14 -28.36 22.13
C ALA A 202 30.61 -28.76 22.09
N ALA A 203 30.91 -29.86 21.41
CA ALA A 203 32.30 -30.34 21.33
C ALA A 203 32.43 -31.50 20.31
N HIS A 204 31.41 -32.20 20.11
N ALA B 6 43.85 -38.97 -25.65
CA ALA B 6 42.68 -39.49 -26.42
C ALA B 6 41.61 -40.04 -25.47
N ASP B 7 40.55 -39.26 -25.26
CA ASP B 7 39.48 -39.67 -24.36
C ASP B 7 38.27 -38.73 -24.39
N THR B 8 37.39 -38.89 -23.41
CA THR B 8 36.19 -38.06 -23.30
C THR B 8 36.56 -36.72 -22.64
N PRO B 9 35.70 -35.70 -22.78
CA PRO B 9 36.00 -34.41 -22.19
C PRO B 9 35.60 -34.32 -20.74
N SER B 10 36.14 -33.32 -20.05
CA SER B 10 35.80 -33.09 -18.66
C SER B 10 34.37 -32.56 -18.66
N SER B 11 33.88 -32.22 -17.49
CA SER B 11 32.53 -31.74 -17.35
C SER B 11 32.44 -30.25 -17.63
N PRO B 12 31.30 -29.79 -18.15
CA PRO B 12 31.11 -28.37 -18.43
C PRO B 12 31.00 -27.72 -17.05
N SER B 13 30.81 -26.41 -16.98
CA SER B 13 30.67 -25.75 -15.69
C SER B 13 29.49 -24.79 -15.77
N ILE B 14 28.52 -24.97 -14.88
CA ILE B 14 27.36 -24.10 -14.89
C ILE B 14 27.69 -22.79 -14.17
N ASP B 15 27.51 -21.68 -14.90
CA ASP B 15 27.80 -20.36 -14.37
C ASP B 15 26.50 -19.66 -14.01
N GLN B 16 25.43 -19.99 -14.71
CA GLN B 16 24.15 -19.36 -14.46
C GLN B 16 22.99 -20.27 -14.75
N VAL B 17 21.91 -20.05 -14.02
CA VAL B 17 20.66 -20.77 -14.22
C VAL B 17 19.56 -19.76 -13.90
N GLU B 18 18.89 -19.28 -14.95
CA GLU B 18 17.81 -18.32 -14.79
C GLU B 18 16.49 -19.07 -14.81
N PRO B 19 15.81 -19.15 -13.66
CA PRO B 19 14.55 -19.89 -13.71
C PRO B 19 13.30 -19.08 -13.98
N TYR B 20 12.45 -19.63 -14.83
CA TYR B 20 11.17 -19.03 -15.16
C TYR B 20 10.10 -19.96 -14.56
N SER B 21 8.93 -20.06 -15.19
CA SER B 21 7.88 -20.91 -14.64
C SER B 21 7.94 -22.35 -15.11
N SER B 22 8.15 -22.55 -16.40
CA SER B 22 8.25 -23.89 -16.97
C SER B 22 9.53 -24.10 -17.77
N THR B 23 10.39 -23.09 -17.79
CA THR B 23 11.66 -23.18 -18.49
C THR B 23 12.73 -22.57 -17.60
N ALA B 24 13.99 -22.83 -17.96
CA ALA B 24 15.12 -22.31 -17.22
C ALA B 24 16.27 -22.14 -18.22
N GLN B 25 16.96 -21.01 -18.16
CA GLN B 25 18.07 -20.77 -19.06
C GLN B 25 19.35 -21.11 -18.32
N VAL B 26 20.08 -22.09 -18.83
CA VAL B 26 21.34 -22.49 -18.22
C VAL B 26 22.50 -21.90 -19.02
N GLN B 27 23.44 -21.28 -18.31
CA GLN B 27 24.63 -20.70 -18.91
C GLN B 27 25.82 -21.54 -18.40
N PHE B 28 26.87 -21.68 -19.20
CA PHE B 28 27.99 -22.51 -18.76
C PHE B 28 29.28 -22.30 -19.55
N ASP B 29 30.33 -22.93 -19.07
CA ASP B 29 31.62 -22.89 -19.73
C ASP B 29 31.81 -24.30 -20.29
N GLU B 30 32.28 -24.38 -21.53
CA GLU B 30 32.51 -25.67 -22.17
C GLU B 30 33.83 -26.21 -21.66
N PRO B 31 34.03 -27.54 -21.78
CA PRO B 31 35.27 -28.15 -21.32
C PRO B 31 36.30 -27.99 -22.43
N GLU B 32 37.53 -28.42 -22.16
CA GLU B 32 38.58 -28.36 -23.16
C GLU B 32 38.25 -29.47 -24.16
N ALA B 33 38.49 -29.23 -25.45
CA ALA B 33 38.20 -30.25 -26.47
C ALA B 33 39.42 -31.17 -26.59
N THR B 34 39.45 -32.20 -25.76
CA THR B 34 40.56 -33.14 -25.71
C THR B 34 40.30 -34.36 -26.57
N GLY B 35 41.37 -35.11 -26.84
CA GLY B 35 41.23 -36.32 -27.62
C GLY B 35 41.33 -36.14 -29.11
N GLY B 36 41.77 -34.96 -29.54
CA GLY B 36 41.92 -34.69 -30.96
C GLY B 36 40.63 -34.55 -31.74
N VAL B 37 39.50 -34.77 -31.08
CA VAL B 37 38.21 -34.67 -31.75
C VAL B 37 37.37 -33.55 -31.15
N PRO B 38 36.36 -33.07 -31.89
CA PRO B 38 35.49 -31.99 -31.42
C PRO B 38 34.31 -32.40 -30.55
N ILE B 39 33.79 -31.44 -29.79
CA ILE B 39 32.64 -31.68 -28.94
C ILE B 39 31.41 -31.57 -29.84
N LEU B 40 30.57 -32.61 -29.85
CA LEU B 40 29.39 -32.65 -30.72
C LEU B 40 28.09 -32.17 -30.10
N LYS B 41 27.81 -32.65 -28.89
CA LYS B 41 26.58 -32.29 -28.20
C LYS B 41 26.81 -32.09 -26.73
N TYR B 42 25.77 -31.57 -26.07
CA TYR B 42 25.80 -31.36 -24.63
C TYR B 42 24.57 -32.05 -24.08
N LYS B 43 24.74 -32.74 -22.96
CA LYS B 43 23.63 -33.44 -22.35
C LYS B 43 23.17 -32.70 -21.08
N ALA B 44 21.91 -32.27 -21.09
CA ALA B 44 21.34 -31.57 -19.95
C ALA B 44 20.42 -32.53 -19.21
N GLU B 45 20.67 -32.66 -17.91
CA GLU B 45 19.88 -33.54 -17.05
C GLU B 45 19.28 -32.74 -15.91
N TRP B 46 17.99 -32.96 -15.64
CA TRP B 46 17.30 -32.27 -14.56
C TRP B 46 16.34 -33.22 -13.88
N ARG B 47 16.15 -33.01 -12.59
CA ARG B 47 15.26 -33.85 -11.81
C ARG B 47 14.67 -33.02 -10.69
N ALA B 48 13.35 -33.06 -10.53
CA ALA B 48 12.74 -32.30 -9.46
C ALA B 48 13.35 -32.87 -8.19
N VAL B 49 13.87 -32.00 -7.33
CA VAL B 49 14.47 -32.46 -6.10
C VAL B 49 13.46 -33.36 -5.38
N GLY B 50 13.90 -34.57 -5.05
CA GLY B 50 13.00 -35.50 -4.39
C GLY B 50 12.67 -36.69 -5.28
N GLU B 51 12.75 -36.51 -6.59
CA GLU B 51 12.48 -37.61 -7.51
C GLU B 51 13.78 -38.40 -7.61
N GLU B 52 13.75 -39.48 -8.39
CA GLU B 52 14.95 -40.32 -8.58
C GLU B 52 15.33 -40.32 -10.05
N VAL B 53 14.33 -40.43 -10.91
CA VAL B 53 14.56 -40.48 -12.34
C VAL B 53 14.90 -39.12 -12.97
N TRP B 54 16.06 -39.03 -13.62
CA TRP B 54 16.47 -37.78 -14.28
C TRP B 54 15.89 -37.67 -15.69
N HIS B 55 15.53 -36.46 -16.09
CA HIS B 55 15.01 -36.21 -17.43
C HIS B 55 16.24 -35.76 -18.22
N SER B 56 16.14 -35.67 -19.54
CA SER B 56 17.28 -35.20 -20.32
C SER B 56 16.91 -34.76 -21.73
N LYS B 57 17.86 -34.09 -22.36
CA LYS B 57 17.68 -33.57 -23.70
C LYS B 57 19.06 -33.23 -24.24
N TRP B 58 19.28 -33.47 -25.54
CA TRP B 58 20.56 -33.17 -26.15
C TRP B 58 20.50 -31.80 -26.80
N TYR B 59 21.64 -31.11 -26.81
CA TYR B 59 21.73 -29.79 -27.40
C TYR B 59 22.92 -29.71 -28.36
N ASP B 60 22.66 -29.36 -29.60
CA ASP B 60 23.75 -29.25 -30.56
C ASP B 60 24.80 -28.35 -29.95
N ALA B 61 26.05 -28.79 -29.99
CA ALA B 61 27.14 -28.02 -29.42
C ALA B 61 27.38 -26.70 -30.13
N LYS B 62 27.38 -26.73 -31.45
CA LYS B 62 27.64 -25.53 -32.23
C LYS B 62 26.62 -24.43 -31.93
N GLU B 63 25.34 -24.78 -32.01
CA GLU B 63 24.24 -23.85 -31.76
C GLU B 63 24.33 -23.30 -30.33
N ALA B 64 24.56 -24.20 -29.38
CA ALA B 64 24.69 -23.78 -27.98
C ALA B 64 25.81 -22.76 -27.83
N SER B 65 26.95 -23.03 -28.45
CA SER B 65 28.11 -22.15 -28.37
C SER B 65 27.86 -20.75 -28.93
N MET B 66 26.99 -20.63 -29.91
CA MET B 66 26.69 -19.33 -30.49
C MET B 66 25.59 -18.66 -29.67
N GLU B 67 24.72 -19.46 -29.09
CA GLU B 67 23.63 -18.95 -28.27
C GLU B 67 24.11 -18.46 -26.91
N GLY B 68 24.93 -19.27 -26.25
CA GLY B 68 25.43 -18.90 -24.95
C GLY B 68 24.65 -19.57 -23.84
N ILE B 69 23.59 -20.27 -24.22
CA ILE B 69 22.75 -20.96 -23.25
C ILE B 69 22.04 -22.14 -23.87
N VAL B 70 21.44 -22.94 -22.99
CA VAL B 70 20.64 -24.08 -23.37
C VAL B 70 19.43 -23.91 -22.48
N THR B 71 18.25 -24.07 -23.06
CA THR B 71 17.03 -23.89 -22.32
C THR B 71 16.30 -25.20 -22.09
N ILE B 72 16.14 -25.56 -20.81
CA ILE B 72 15.43 -26.77 -20.46
C ILE B 72 13.97 -26.36 -20.41
N VAL B 73 13.10 -27.20 -20.95
CA VAL B 73 11.67 -26.91 -21.00
C VAL B 73 10.86 -28.01 -20.33
N GLY B 74 9.54 -27.79 -20.25
CA GLY B 74 8.66 -28.76 -19.64
C GLY B 74 8.77 -28.90 -18.14
N LEU B 75 9.12 -27.82 -17.47
CA LEU B 75 9.26 -27.85 -16.01
C LEU B 75 7.93 -27.45 -15.36
N LYS B 76 7.79 -27.76 -14.07
CA LYS B 76 6.58 -27.41 -13.34
C LYS B 76 6.89 -26.18 -12.51
N PRO B 77 5.91 -25.26 -12.35
CA PRO B 77 6.09 -24.05 -11.57
C PRO B 77 6.35 -24.30 -10.09
N GLU B 78 6.97 -23.33 -9.43
CA GLU B 78 7.24 -23.43 -8.01
C GLU B 78 7.79 -24.80 -7.62
N THR B 79 8.82 -25.25 -8.30
CA THR B 79 9.40 -26.54 -8.01
C THR B 79 10.90 -26.44 -7.95
N THR B 80 11.51 -27.19 -7.03
CA THR B 80 12.97 -27.18 -6.87
C THR B 80 13.55 -28.29 -7.75
N TYR B 81 14.50 -27.90 -8.58
CA TYR B 81 15.15 -28.84 -9.50
C TYR B 81 16.66 -28.80 -9.33
N ALA B 82 17.29 -29.86 -9.82
CA ALA B 82 18.73 -29.99 -9.81
C ALA B 82 19.04 -30.22 -11.28
N VAL B 83 20.06 -29.54 -11.78
CA VAL B 83 20.44 -29.68 -13.18
C VAL B 83 21.95 -29.89 -13.28
N ARG B 84 22.38 -30.67 -14.26
CA ARG B 84 23.79 -30.93 -14.48
C ARG B 84 24.02 -31.14 -15.97
N LEU B 85 25.23 -30.85 -16.42
CA LEU B 85 25.56 -30.97 -17.84
C LEU B 85 26.70 -31.91 -18.17
N ALA B 86 26.62 -32.50 -19.37
CA ALA B 86 27.65 -33.39 -19.87
C ALA B 86 27.99 -33.01 -21.31
N ALA B 87 29.25 -33.23 -21.69
CA ALA B 87 29.70 -32.93 -23.05
C ALA B 87 29.93 -34.23 -23.82
N LEU B 88 29.47 -34.27 -25.05
CA LEU B 88 29.63 -35.45 -25.90
C LEU B 88 30.64 -35.20 -27.01
N ASN B 89 31.43 -36.22 -27.34
CA ASN B 89 32.41 -36.11 -28.41
C ASN B 89 32.53 -37.48 -29.09
N GLY B 90 33.29 -37.55 -30.17
CA GLY B 90 33.45 -38.80 -30.88
C GLY B 90 33.83 -40.02 -30.03
N LYS B 91 34.73 -39.83 -29.07
CA LYS B 91 35.15 -40.94 -28.20
C LYS B 91 34.06 -41.32 -27.20
N GLY B 92 33.09 -40.43 -26.99
CA GLY B 92 32.02 -40.74 -26.06
C GLY B 92 31.56 -39.62 -25.14
N LEU B 93 30.65 -39.95 -24.22
CA LEU B 93 30.11 -38.96 -23.27
C LEU B 93 31.01 -38.68 -22.08
N GLY B 94 31.40 -37.42 -21.93
CA GLY B 94 32.26 -37.04 -20.81
C GLY B 94 31.56 -37.20 -19.48
N GLU B 95 32.19 -36.70 -18.42
CA GLU B 95 31.62 -36.80 -17.07
C GLU B 95 30.61 -35.69 -16.77
N ILE B 96 29.54 -36.02 -16.04
CA ILE B 96 28.55 -35.01 -15.69
C ILE B 96 29.16 -34.02 -14.72
N SER B 97 28.61 -32.82 -14.70
CA SER B 97 29.07 -31.77 -13.80
C SER B 97 28.31 -31.96 -12.50
N ALA B 98 28.64 -31.14 -11.50
CA ALA B 98 27.95 -31.22 -10.21
C ALA B 98 26.54 -30.62 -10.37
N ALA B 99 25.61 -31.04 -9.53
CA ALA B 99 24.25 -30.54 -9.59
C ALA B 99 24.17 -29.08 -9.20
N SER B 100 23.32 -28.35 -9.91
CA SER B 100 23.10 -26.94 -9.66
C SER B 100 21.61 -26.91 -9.33
N GLU B 101 21.26 -26.41 -8.15
CA GLU B 101 19.87 -26.37 -7.73
C GLU B 101 19.20 -25.02 -8.01
N PHE B 102 17.89 -25.04 -8.27
CA PHE B 102 17.14 -23.82 -8.56
C PHE B 102 15.66 -24.02 -8.39
N LYS B 103 14.92 -22.92 -8.25
CA LYS B 103 13.48 -23.03 -8.09
C LYS B 103 12.72 -22.23 -9.14
N THR B 104 11.84 -22.90 -9.87
CA THR B 104 11.04 -22.27 -10.91
C THR B 104 10.10 -21.24 -10.31
N GLN B 105 9.81 -20.20 -11.08
CA GLN B 105 8.90 -19.16 -10.62
C GLN B 105 7.44 -19.61 -10.66
N PRO B 106 6.57 -18.95 -9.88
CA PRO B 106 5.16 -19.31 -9.88
C PRO B 106 4.54 -18.67 -11.12
N VAL B 107 3.37 -19.12 -11.54
CA VAL B 107 2.76 -18.53 -12.73
C VAL B 107 1.87 -17.35 -12.32
N ARG B 108 2.12 -16.21 -12.95
CA ARG B 108 1.38 -14.99 -12.66
C ARG B 108 0.43 -14.66 -13.81
N GLU B 109 -0.33 -13.58 -13.67
CA GLU B 109 -1.24 -13.15 -14.72
C GLU B 109 -0.42 -12.48 -15.80
N PRO B 110 -0.99 -12.34 -17.00
CA PRO B 110 -0.16 -11.69 -18.01
C PRO B 110 -0.07 -10.19 -17.72
N SER B 111 0.90 -9.54 -18.33
CA SER B 111 1.03 -8.10 -18.22
C SER B 111 0.18 -7.60 -19.38
N ALA B 112 -0.39 -6.40 -19.26
CA ALA B 112 -1.21 -5.87 -20.33
C ALA B 112 -0.34 -5.60 -21.54
N PRO B 113 -0.91 -5.70 -22.74
CA PRO B 113 -0.09 -5.44 -23.91
C PRO B 113 -0.10 -3.95 -24.22
N LYS B 114 0.85 -3.50 -25.04
CA LYS B 114 0.89 -2.10 -25.41
C LYS B 114 0.16 -1.94 -26.73
N LEU B 115 -0.59 -0.86 -26.86
CA LEU B 115 -1.35 -0.62 -28.07
C LEU B 115 -0.77 0.52 -28.89
N GLU B 116 -0.81 0.38 -30.20
CA GLU B 116 -0.29 1.40 -31.10
C GLU B 116 -1.28 1.56 -32.23
N GLY B 117 -1.69 2.79 -32.50
CA GLY B 117 -2.65 3.03 -33.56
C GLY B 117 -1.98 3.25 -34.91
N GLN B 118 -2.72 2.91 -35.97
CA GLN B 118 -2.24 3.06 -37.34
C GLN B 118 -3.47 3.28 -38.21
N ARG B 119 -3.30 3.92 -39.35
CA ARG B 119 -4.43 4.15 -40.23
C ARG B 119 -4.99 2.79 -40.66
N GLY B 120 -6.19 2.80 -41.25
CA GLY B 120 -6.80 1.57 -41.72
C GLY B 120 -6.97 1.68 -43.23
N GLU B 121 -7.81 0.81 -43.80
CA GLU B 121 -8.03 0.86 -45.24
C GLU B 121 -8.71 2.19 -45.59
N ASP B 122 -9.67 2.60 -44.77
CA ASP B 122 -10.41 3.84 -45.00
C ASP B 122 -10.48 4.72 -43.76
N GLY B 123 -10.72 6.01 -43.98
CA GLY B 123 -10.81 6.98 -42.91
C GLY B 123 -11.76 6.65 -41.77
N ASN B 124 -12.67 5.69 -42.01
CA ASN B 124 -13.61 5.30 -40.97
C ASN B 124 -13.22 3.94 -40.40
N SER B 125 -11.91 3.73 -40.26
CA SER B 125 -11.36 2.49 -39.71
C SER B 125 -9.96 2.76 -39.17
N ILE B 126 -9.52 1.93 -38.23
CA ILE B 126 -8.20 2.09 -37.66
C ILE B 126 -7.59 0.72 -37.41
N LYS B 127 -6.26 0.66 -37.50
CA LYS B 127 -5.55 -0.58 -37.26
C LYS B 127 -4.85 -0.48 -35.90
N VAL B 128 -5.22 -1.35 -34.97
CA VAL B 128 -4.62 -1.33 -33.66
C VAL B 128 -3.57 -2.42 -33.54
N ASN B 129 -2.30 -2.01 -33.57
CA ASN B 129 -1.18 -2.93 -33.47
C ASN B 129 -0.88 -3.32 -32.03
N LEU B 130 -0.60 -4.59 -31.80
CA LEU B 130 -0.27 -5.06 -30.47
C LEU B 130 1.23 -5.22 -30.27
N ILE B 131 1.75 -4.67 -29.17
CA ILE B 131 3.16 -4.81 -28.85
C ILE B 131 3.13 -5.77 -27.67
N LYS B 132 3.40 -7.04 -27.93
CA LYS B 132 3.35 -8.08 -26.92
C LYS B 132 4.27 -7.85 -25.73
N GLN B 133 3.89 -8.42 -24.59
CA GLN B 133 4.66 -8.26 -23.35
C GLN B 133 4.59 -9.50 -22.47
N ASP B 134 5.38 -9.50 -21.39
CA ASP B 134 5.43 -10.64 -20.48
C ASP B 134 4.04 -11.26 -20.34
N ASP B 135 3.95 -12.57 -20.57
CA ASP B 135 2.68 -13.29 -20.46
C ASP B 135 2.48 -13.88 -19.07
N GLY B 136 3.33 -13.51 -18.13
CA GLY B 136 3.18 -14.03 -16.78
C GLY B 136 3.75 -15.43 -16.57
N GLY B 137 4.52 -15.91 -17.55
CA GLY B 137 5.14 -17.22 -17.42
C GLY B 137 4.32 -18.40 -17.90
N SER B 138 3.22 -18.11 -18.58
CA SER B 138 2.35 -19.16 -19.13
C SER B 138 1.75 -18.62 -20.41
N PRO B 139 1.60 -19.47 -21.43
CA PRO B 139 1.05 -19.06 -22.73
C PRO B 139 -0.25 -18.25 -22.70
N ILE B 140 -0.34 -17.26 -23.58
CA ILE B 140 -1.53 -16.46 -23.67
C ILE B 140 -2.63 -17.24 -24.39
N ARG B 141 -3.80 -17.32 -23.78
CA ARG B 141 -4.92 -18.05 -24.36
C ARG B 141 -5.67 -17.20 -25.38
N HIS B 142 -5.97 -15.95 -25.02
CA HIS B 142 -6.70 -15.04 -25.90
C HIS B 142 -6.35 -13.58 -25.65
N TYR B 143 -6.76 -12.74 -26.59
CA TYR B 143 -6.61 -11.30 -26.47
C TYR B 143 -8.04 -10.81 -26.53
N LEU B 144 -8.58 -10.39 -25.39
CA LEU B 144 -9.97 -9.92 -25.34
C LEU B 144 -9.98 -8.45 -25.71
N VAL B 145 -10.69 -8.13 -26.79
CA VAL B 145 -10.79 -6.76 -27.27
C VAL B 145 -12.23 -6.25 -27.18
N ARG B 146 -12.38 -5.00 -26.80
CA ARG B 146 -13.69 -4.38 -26.71
C ARG B 146 -13.55 -2.92 -27.10
N TYR B 147 -14.45 -2.47 -27.95
CA TYR B 147 -14.41 -1.08 -28.39
C TYR B 147 -15.82 -0.51 -28.30
N ARG B 148 -15.93 0.78 -28.58
CA ARG B 148 -17.21 1.44 -28.55
C ARG B 148 -17.06 2.90 -28.92
N ALA B 149 -18.15 3.50 -29.33
CA ALA B 149 -18.15 4.90 -29.64
C ALA B 149 -18.40 5.47 -28.24
N LEU B 150 -17.69 6.54 -27.88
CA LEU B 150 -17.88 7.16 -26.56
C LEU B 150 -19.36 7.54 -26.34
N SER B 151 -19.81 7.40 -25.10
CA SER B 151 -21.19 7.72 -24.70
C SER B 151 -22.20 6.76 -25.35
N SER B 152 -21.85 5.49 -25.39
CA SER B 152 -22.71 4.46 -25.96
C SER B 152 -22.29 3.14 -25.32
N GLU B 153 -23.02 2.06 -25.60
CA GLU B 153 -22.71 0.76 -25.03
C GLU B 153 -21.54 0.02 -25.68
N TRP B 154 -20.92 -0.88 -24.93
CA TRP B 154 -19.81 -1.65 -25.42
C TRP B 154 -20.21 -2.58 -26.55
N LYS B 155 -19.43 -2.56 -27.63
CA LYS B 155 -19.72 -3.46 -28.73
C LYS B 155 -19.48 -4.86 -28.17
N PRO B 156 -19.86 -5.90 -28.93
CA PRO B 156 -19.64 -7.27 -28.43
C PRO B 156 -18.14 -7.54 -28.32
N GLU B 157 -17.75 -8.37 -27.37
CA GLU B 157 -16.34 -8.66 -27.18
C GLU B 157 -15.76 -9.54 -28.28
N ILE B 158 -14.54 -9.20 -28.70
CA ILE B 158 -13.84 -9.95 -29.75
C ILE B 158 -12.74 -10.80 -29.11
N ARG B 159 -12.62 -12.06 -29.55
CA ARG B 159 -11.58 -12.94 -29.02
C ARG B 159 -10.53 -13.21 -30.06
N LEU B 160 -9.32 -12.69 -29.82
CA LEU B 160 -8.20 -12.87 -30.74
C LEU B 160 -7.27 -13.97 -30.26
N PRO B 161 -6.83 -14.86 -31.17
CA PRO B 161 -5.92 -15.92 -30.72
C PRO B 161 -4.55 -15.31 -30.42
N SER B 162 -3.73 -16.00 -29.64
CA SER B 162 -2.41 -15.50 -29.25
C SER B 162 -1.47 -15.07 -30.38
N GLY B 163 -1.65 -15.64 -31.57
CA GLY B 163 -0.79 -15.29 -32.68
C GLY B 163 -1.20 -14.04 -33.42
N SER B 164 -2.20 -13.35 -32.90
CA SER B 164 -2.68 -12.12 -33.51
C SER B 164 -1.71 -10.98 -33.24
N ASP B 165 -1.54 -10.11 -34.23
CA ASP B 165 -0.62 -8.98 -34.09
C ASP B 165 -1.33 -7.64 -34.13
N HIS B 166 -2.60 -7.66 -34.49
CA HIS B 166 -3.36 -6.42 -34.55
C HIS B 166 -4.85 -6.68 -34.58
N VAL B 167 -5.61 -5.62 -34.33
CA VAL B 167 -7.06 -5.70 -34.39
C VAL B 167 -7.51 -4.59 -35.34
N MET B 168 -8.34 -4.97 -36.30
CA MET B 168 -8.83 -4.03 -37.29
C MET B 168 -10.30 -3.72 -37.01
N LEU B 169 -10.62 -2.43 -36.92
CA LEU B 169 -11.99 -2.01 -36.67
C LEU B 169 -12.43 -1.21 -37.89
N LYS B 170 -13.36 -1.79 -38.66
CA LYS B 170 -13.83 -1.14 -39.86
C LYS B 170 -15.32 -0.85 -39.84
N SER B 171 -15.77 -0.13 -40.86
CA SER B 171 -17.18 0.23 -40.98
C SER B 171 -17.64 0.96 -39.72
N LEU B 172 -16.88 1.99 -39.35
CA LEU B 172 -17.16 2.82 -38.18
C LEU B 172 -17.85 4.07 -38.70
N ASP B 173 -18.48 4.84 -37.80
CA ASP B 173 -19.13 6.06 -38.24
C ASP B 173 -18.03 7.09 -38.51
N TRP B 174 -18.31 8.03 -39.40
CA TRP B 174 -17.35 9.08 -39.76
C TRP B 174 -17.38 10.23 -38.77
N ASN B 175 -16.23 10.84 -38.53
CA ASN B 175 -16.15 11.97 -37.62
C ASN B 175 -16.70 11.57 -36.25
N ALA B 176 -16.39 10.34 -35.83
CA ALA B 176 -16.86 9.83 -34.56
C ALA B 176 -15.69 9.45 -33.63
N GLU B 177 -15.94 9.49 -32.33
CA GLU B 177 -14.92 9.18 -31.34
C GLU B 177 -15.11 7.82 -30.72
N TYR B 178 -14.04 7.04 -30.67
CA TYR B 178 -14.08 5.69 -30.13
C TYR B 178 -12.94 5.42 -29.17
N GLU B 179 -13.05 4.28 -28.48
CA GLU B 179 -12.00 3.83 -27.58
C GLU B 179 -11.92 2.31 -27.63
N VAL B 180 -10.71 1.77 -27.52
CA VAL B 180 -10.51 0.32 -27.57
C VAL B 180 -9.93 -0.17 -26.25
N TYR B 181 -10.37 -1.36 -25.84
CA TYR B 181 -9.86 -1.97 -24.63
C TYR B 181 -9.33 -3.34 -25.00
N VAL B 182 -8.10 -3.64 -24.60
CA VAL B 182 -7.49 -4.91 -24.92
C VAL B 182 -6.89 -5.56 -23.67
N VAL B 183 -7.32 -6.79 -23.41
CA VAL B 183 -6.87 -7.53 -22.26
C VAL B 183 -6.22 -8.83 -22.71
N ALA B 184 -5.09 -9.16 -22.11
CA ALA B 184 -4.37 -10.41 -22.43
C ALA B 184 -4.78 -11.40 -21.35
N GLU B 185 -4.98 -12.66 -21.73
CA GLU B 185 -5.42 -13.63 -20.76
C GLU B 185 -4.76 -14.99 -20.92
N ASN B 186 -4.35 -15.57 -19.80
CA ASN B 186 -3.76 -16.90 -19.80
C ASN B 186 -4.51 -17.75 -18.78
N GLN B 187 -4.01 -18.96 -18.48
CA GLN B 187 -4.70 -19.84 -17.54
C GLN B 187 -4.86 -19.21 -16.16
N GLN B 188 -3.88 -18.40 -15.78
CA GLN B 188 -3.90 -17.75 -14.47
C GLN B 188 -4.99 -16.70 -14.35
N GLY B 189 -5.25 -15.98 -15.43
CA GLY B 189 -6.27 -14.95 -15.38
C GLY B 189 -6.14 -13.89 -16.45
N LYS B 190 -6.82 -12.76 -16.24
CA LYS B 190 -6.78 -11.65 -17.17
C LYS B 190 -5.87 -10.57 -16.64
N SER B 191 -5.28 -9.81 -17.56
CA SER B 191 -4.38 -8.72 -17.19
C SER B 191 -5.23 -7.47 -17.04
N LYS B 192 -4.60 -6.36 -16.68
CA LYS B 192 -5.36 -5.14 -16.59
C LYS B 192 -5.46 -4.72 -18.05
N ALA B 193 -6.52 -4.01 -18.40
CA ALA B 193 -6.71 -3.59 -19.78
C ALA B 193 -5.85 -2.41 -20.22
N ALA B 194 -5.55 -2.38 -21.52
CA ALA B 194 -4.79 -1.32 -22.15
C ALA B 194 -5.87 -0.58 -22.96
N HIS B 195 -5.78 0.75 -23.02
CA HIS B 195 -6.78 1.55 -23.72
C HIS B 195 -6.18 2.33 -24.87
N PHE B 196 -7.05 2.79 -25.76
CA PHE B 196 -6.66 3.55 -26.93
C PHE B 196 -7.91 4.31 -27.39
N VAL B 197 -7.84 5.64 -27.35
CA VAL B 197 -8.99 6.44 -27.78
C VAL B 197 -8.63 7.06 -29.10
N PHE B 198 -9.62 7.22 -29.98
CA PHE B 198 -9.35 7.79 -31.28
C PHE B 198 -10.59 8.36 -31.94
N ARG B 199 -10.38 9.05 -33.04
CA ARG B 199 -11.47 9.68 -33.78
C ARG B 199 -11.34 9.46 -35.28
N THR B 200 -12.40 8.94 -35.88
CA THR B 200 -12.43 8.68 -37.31
C THR B 200 -12.42 10.01 -38.07
N ALA B 201 -12.10 9.96 -39.36
CA ALA B 201 -12.06 11.18 -40.18
C ALA B 201 -13.46 11.60 -40.67
N ALA B 202 -13.53 12.81 -41.22
CA ALA B 202 -14.79 13.37 -41.74
C ALA B 202 -15.30 12.65 -42.98
N ALA B 203 -14.53 12.49 -43.96
N ALA C 6 12.24 -33.39 51.63
CA ALA C 6 12.44 -31.91 51.75
C ALA C 6 13.83 -31.51 51.24
N ASP C 7 13.87 -30.51 50.35
CA ASP C 7 15.12 -30.03 49.78
C ASP C 7 14.91 -28.85 48.81
N THR C 8 15.80 -28.74 47.83
CA THR C 8 15.72 -27.66 46.85
C THR C 8 14.58 -27.89 45.87
N PRO C 9 13.95 -26.80 45.41
CA PRO C 9 12.83 -26.87 44.46
C PRO C 9 13.25 -27.41 43.11
N SER C 10 12.31 -28.01 42.39
CA SER C 10 12.63 -28.52 41.06
C SER C 10 12.74 -27.27 40.16
N SER C 11 13.08 -27.45 38.90
CA SER C 11 13.25 -26.31 38.01
C SER C 11 11.93 -25.71 37.54
N PRO C 12 11.87 -24.38 37.45
CA PRO C 12 10.64 -23.74 37.00
C PRO C 12 10.54 -24.04 35.50
N SER C 13 9.34 -23.90 34.94
CA SER C 13 9.17 -24.14 33.53
C SER C 13 8.66 -22.85 32.91
N ILE C 14 9.42 -22.29 31.98
CA ILE C 14 9.04 -21.04 31.33
C ILE C 14 8.00 -21.32 30.24
N ASP C 15 6.79 -20.80 30.43
CA ASP C 15 5.69 -21.00 29.48
C ASP C 15 5.55 -19.91 28.43
N GLN C 16 5.96 -18.69 28.78
CA GLN C 16 5.85 -17.58 27.85
C GLN C 16 6.96 -16.57 28.05
N VAL C 17 7.31 -15.91 26.96
CA VAL C 17 8.28 -14.83 27.02
C VAL C 17 7.80 -13.81 25.99
N GLU C 18 7.17 -12.74 26.47
CA GLU C 18 6.69 -11.70 25.56
C GLU C 18 7.68 -10.55 25.58
N PRO C 19 8.56 -10.49 24.57
CA PRO C 19 9.57 -9.43 24.48
C PRO C 19 9.07 -8.11 23.90
N TYR C 20 9.58 -7.01 24.42
CA TYR C 20 9.23 -5.70 23.94
C TYR C 20 10.50 -5.03 23.41
N SER C 21 10.61 -3.73 23.54
CA SER C 21 11.80 -3.04 23.06
C SER C 21 12.97 -3.23 24.02
N SER C 22 12.72 -2.93 25.29
CA SER C 22 13.78 -3.04 26.28
C SER C 22 13.37 -3.81 27.53
N THR C 23 12.28 -4.56 27.44
CA THR C 23 11.80 -5.35 28.57
C THR C 23 11.09 -6.58 28.03
N ALA C 24 10.84 -7.55 28.90
CA ALA C 24 10.16 -8.78 28.50
C ALA C 24 9.38 -9.33 29.70
N GLN C 25 8.20 -9.88 29.42
CA GLN C 25 7.39 -10.44 30.49
C GLN C 25 7.47 -11.96 30.45
N VAL C 26 8.01 -12.55 31.50
CA VAL C 26 8.16 -13.99 31.54
C VAL C 26 7.08 -14.64 32.38
N GLN C 27 6.50 -15.71 31.84
CA GLN C 27 5.47 -16.51 32.49
C GLN C 27 6.07 -17.88 32.75
N PHE C 28 5.81 -18.46 33.92
CA PHE C 28 6.36 -19.76 34.24
C PHE C 28 5.52 -20.57 35.21
N ASP C 29 5.74 -21.89 35.22
CA ASP C 29 5.04 -22.80 36.11
C ASP C 29 5.86 -23.05 37.37
N GLU C 30 5.22 -23.08 38.53
CA GLU C 30 5.94 -23.33 39.77
C GLU C 30 6.55 -24.71 39.63
N PRO C 31 7.79 -24.89 40.11
CA PRO C 31 8.42 -26.21 39.99
C PRO C 31 7.48 -27.35 40.39
N GLU C 32 7.40 -28.39 39.55
CA GLU C 32 6.56 -29.55 39.84
C GLU C 32 7.04 -30.35 41.04
N ALA C 33 7.74 -29.66 41.94
CA ALA C 33 8.27 -30.26 43.15
C ALA C 33 8.77 -29.14 44.05
N THR C 34 7.86 -28.58 44.84
CA THR C 34 8.19 -27.48 45.74
C THR C 34 9.30 -27.89 46.72
N GLY C 35 9.59 -29.19 46.76
CA GLY C 35 10.62 -29.70 47.64
C GLY C 35 10.07 -30.09 49.01
N GLY C 36 8.99 -29.44 49.40
CA GLY C 36 8.37 -29.71 50.69
C GLY C 36 7.88 -28.42 51.30
N VAL C 37 8.78 -27.44 51.42
CA VAL C 37 8.43 -26.14 51.99
C VAL C 37 7.99 -25.20 50.87
N PRO C 38 7.46 -24.03 51.24
CA PRO C 38 7.01 -23.06 50.24
C PRO C 38 8.18 -22.37 49.53
N ILE C 39 7.90 -21.78 48.37
CA ILE C 39 8.93 -21.08 47.62
C ILE C 39 8.94 -19.62 48.03
N LEU C 40 10.13 -19.11 48.34
CA LEU C 40 10.30 -17.75 48.80
C LEU C 40 10.61 -16.74 47.71
N LYS C 41 11.67 -17.01 46.96
CA LYS C 41 12.09 -16.12 45.90
C LYS C 41 12.39 -16.92 44.64
N TYR C 42 12.45 -16.21 43.52
CA TYR C 42 12.79 -16.82 42.24
C TYR C 42 14.00 -16.01 41.81
N LYS C 43 14.94 -16.68 41.14
CA LYS C 43 16.15 -16.03 40.66
C LYS C 43 16.14 -16.07 39.14
N ALA C 44 16.22 -14.90 38.50
CA ALA C 44 16.22 -14.84 37.05
C ALA C 44 17.57 -14.47 36.48
N GLU C 45 17.89 -15.11 35.37
CA GLU C 45 19.14 -14.86 34.68
C GLU C 45 18.86 -14.68 33.21
N TRP C 46 19.51 -13.69 32.62
CA TRP C 46 19.34 -13.43 31.20
C TRP C 46 20.64 -12.84 30.69
N ARG C 47 20.88 -13.03 29.41
CA ARG C 47 22.11 -12.52 28.84
C ARG C 47 21.98 -12.52 27.33
N ALA C 48 22.48 -11.46 26.70
CA ALA C 48 22.42 -11.36 25.27
C ALA C 48 23.26 -12.52 24.72
N VAL C 49 22.66 -13.29 23.81
CA VAL C 49 23.34 -14.42 23.19
C VAL C 49 24.71 -14.01 22.68
N GLY C 50 25.73 -14.76 23.08
CA GLY C 50 27.08 -14.43 22.64
C GLY C 50 27.93 -13.72 23.69
N GLU C 51 27.29 -13.29 24.78
CA GLU C 51 28.00 -12.63 25.87
C GLU C 51 28.35 -13.75 26.86
N GLU C 52 29.25 -13.48 27.80
CA GLU C 52 29.62 -14.51 28.76
C GLU C 52 28.93 -14.37 30.11
N VAL C 53 29.03 -13.18 30.70
CA VAL C 53 28.41 -12.97 32.01
C VAL C 53 26.91 -12.74 31.91
N TRP C 54 26.19 -13.26 32.90
CA TRP C 54 24.74 -13.12 32.97
C TRP C 54 24.33 -11.98 33.87
N HIS C 55 23.05 -11.63 33.80
CA HIS C 55 22.43 -10.61 34.62
C HIS C 55 21.59 -11.43 35.59
N SER C 56 21.44 -10.98 36.82
CA SER C 56 20.62 -11.71 37.79
C SER C 56 19.68 -10.74 38.49
N LYS C 57 18.63 -11.28 39.08
CA LYS C 57 17.68 -10.50 39.84
C LYS C 57 16.70 -11.44 40.50
N TRP C 58 16.48 -11.24 41.79
CA TRP C 58 15.54 -12.07 42.52
C TRP C 58 14.15 -11.44 42.47
N TYR C 59 13.15 -12.29 42.36
CA TYR C 59 11.77 -11.84 42.33
C TYR C 59 11.07 -12.53 43.47
N ASP C 60 10.25 -11.76 44.19
CA ASP C 60 9.50 -12.30 45.31
C ASP C 60 8.44 -13.25 44.77
N ALA C 61 8.47 -14.49 45.24
CA ALA C 61 7.55 -15.53 44.80
C ALA C 61 6.07 -15.16 44.95
N LYS C 62 5.74 -14.40 45.97
CA LYS C 62 4.36 -14.04 46.20
C LYS C 62 3.86 -12.97 45.23
N GLU C 63 4.70 -11.98 44.96
CA GLU C 63 4.31 -10.93 44.03
C GLU C 63 4.22 -11.53 42.65
N ALA C 64 5.25 -12.30 42.28
CA ALA C 64 5.29 -12.94 40.98
C ALA C 64 4.02 -13.74 40.70
N SER C 65 3.58 -14.49 41.69
CA SER C 65 2.40 -15.33 41.56
C SER C 65 1.11 -14.53 41.37
N MET C 66 0.95 -13.47 42.15
CA MET C 66 -0.24 -12.64 42.05
C MET C 66 -0.20 -11.77 40.80
N GLU C 67 0.84 -11.94 39.99
CA GLU C 67 0.98 -11.20 38.75
C GLU C 67 0.97 -12.17 37.59
N GLY C 68 1.46 -13.39 37.84
CA GLY C 68 1.51 -14.42 36.81
C GLY C 68 2.72 -14.28 35.91
N ILE C 69 3.52 -13.25 36.15
CA ILE C 69 4.70 -13.03 35.34
C ILE C 69 5.83 -12.33 36.13
N VAL C 70 6.99 -12.22 35.50
CA VAL C 70 8.11 -11.48 36.06
C VAL C 70 8.63 -10.64 34.88
N THR C 71 9.04 -9.42 35.15
CA THR C 71 9.49 -8.54 34.09
C THR C 71 10.93 -8.13 34.29
N ILE C 72 11.76 -8.42 33.28
CA ILE C 72 13.16 -8.03 33.33
C ILE C 72 13.26 -6.79 32.45
N VAL C 73 14.07 -5.81 32.89
CA VAL C 73 14.20 -4.57 32.12
C VAL C 73 15.66 -4.20 31.87
N GLY C 74 15.86 -3.17 31.06
CA GLY C 74 17.22 -2.76 30.74
C GLY C 74 17.79 -3.51 29.56
N LEU C 75 16.91 -4.05 28.72
CA LEU C 75 17.34 -4.81 27.54
C LEU C 75 17.54 -3.90 26.33
N LYS C 76 18.27 -4.39 25.33
CA LYS C 76 18.50 -3.65 24.08
C LYS C 76 17.50 -4.07 23.02
N PRO C 77 17.03 -3.12 22.20
CA PRO C 77 16.07 -3.39 21.13
C PRO C 77 16.71 -4.27 20.07
N GLU C 78 15.92 -5.15 19.45
CA GLU C 78 16.45 -6.00 18.39
C GLU C 78 17.68 -6.83 18.81
N THR C 79 17.67 -7.33 20.04
CA THR C 79 18.78 -8.14 20.50
C THR C 79 18.27 -9.52 20.89
N THR C 80 19.05 -10.55 20.57
CA THR C 80 18.64 -11.90 20.93
C THR C 80 19.19 -12.20 22.31
N TYR C 81 18.28 -12.56 23.22
CA TYR C 81 18.62 -12.88 24.60
C TYR C 81 18.23 -14.30 24.97
N ALA C 82 18.77 -14.77 26.09
CA ALA C 82 18.46 -16.10 26.63
C ALA C 82 18.09 -15.84 28.10
N VAL C 83 17.04 -16.50 28.58
CA VAL C 83 16.63 -16.33 29.98
C VAL C 83 16.39 -17.69 30.65
N ARG C 84 16.65 -17.74 31.95
CA ARG C 84 16.46 -18.97 32.71
C ARG C 84 16.18 -18.63 34.17
N LEU C 85 15.31 -19.42 34.80
CA LEU C 85 14.92 -19.20 36.19
C LEU C 85 15.24 -20.36 37.13
N ALA C 86 15.28 -20.04 38.42
CA ALA C 86 15.53 -21.01 39.47
C ALA C 86 14.67 -20.62 40.68
N ALA C 87 14.14 -21.60 41.40
CA ALA C 87 13.34 -21.33 42.57
C ALA C 87 14.16 -21.48 43.86
N LEU C 88 13.83 -20.68 44.87
CA LEU C 88 14.52 -20.75 46.15
C LEU C 88 13.55 -20.98 47.31
N ASN C 89 13.85 -21.96 48.17
CA ASN C 89 13.02 -22.22 49.33
C ASN C 89 13.90 -22.25 50.57
N GLY C 90 13.31 -22.65 51.70
CA GLY C 90 14.06 -22.72 52.94
C GLY C 90 15.33 -23.54 52.78
N LYS C 91 15.19 -24.77 52.31
CA LYS C 91 16.34 -25.65 52.11
C LYS C 91 17.42 -24.92 51.31
N GLY C 92 17.00 -24.27 50.22
CA GLY C 92 17.96 -23.54 49.41
C GLY C 92 17.59 -23.38 47.94
N LEU C 93 18.53 -22.85 47.17
CA LEU C 93 18.35 -22.61 45.74
C LEU C 93 18.25 -23.89 44.92
N GLY C 94 17.21 -23.98 44.10
CA GLY C 94 17.02 -25.16 43.28
C GLY C 94 17.83 -25.14 41.99
N GLU C 95 17.39 -25.92 41.01
CA GLU C 95 18.10 -25.97 39.75
C GLU C 95 17.39 -25.14 38.70
N ILE C 96 18.21 -24.50 37.85
CA ILE C 96 17.71 -23.64 36.78
C ILE C 96 17.03 -24.39 35.65
N SER C 97 16.07 -23.73 35.03
CA SER C 97 15.33 -24.30 33.92
C SER C 97 16.22 -24.22 32.69
N ALA C 98 15.72 -24.76 31.58
CA ALA C 98 16.45 -24.70 30.32
C ALA C 98 16.41 -23.23 29.87
N ALA C 99 17.40 -22.80 29.10
CA ALA C 99 17.42 -21.44 28.62
C ALA C 99 16.37 -21.26 27.53
N SER C 100 15.58 -20.20 27.68
CA SER C 100 14.52 -19.85 26.74
C SER C 100 15.03 -18.65 25.93
N GLU C 101 15.04 -18.80 24.60
CA GLU C 101 15.56 -17.76 23.71
C GLU C 101 14.49 -16.86 23.09
N PHE C 102 14.79 -15.57 23.04
CA PHE C 102 13.87 -14.60 22.49
C PHE C 102 14.64 -13.42 21.92
N LYS C 103 13.95 -12.60 21.13
CA LYS C 103 14.55 -11.42 20.54
C LYS C 103 13.64 -10.24 20.81
N THR C 104 14.21 -9.17 21.36
CA THR C 104 13.42 -7.99 21.67
C THR C 104 12.96 -7.29 20.39
N GLN C 105 12.02 -6.36 20.54
CA GLN C 105 11.48 -5.64 19.41
C GLN C 105 12.23 -4.36 19.18
N PRO C 106 12.05 -3.73 18.00
CA PRO C 106 12.73 -2.47 17.72
C PRO C 106 11.89 -1.34 18.33
N VAL C 107 12.51 -0.21 18.62
CA VAL C 107 11.77 0.93 19.16
C VAL C 107 11.07 1.62 17.99
N ARG C 108 9.81 2.00 18.17
CA ARG C 108 9.03 2.64 17.13
C ARG C 108 8.55 4.02 17.58
N GLU C 109 7.98 4.78 16.64
CA GLU C 109 7.46 6.11 16.95
C GLU C 109 6.22 5.91 17.82
N PRO C 110 6.00 6.80 18.77
CA PRO C 110 4.84 6.68 19.66
C PRO C 110 3.56 6.90 18.88
N SER C 111 2.43 6.49 19.44
CA SER C 111 1.17 6.73 18.76
C SER C 111 0.59 7.98 19.40
N ALA C 112 -0.30 8.66 18.69
CA ALA C 112 -0.89 9.88 19.21
C ALA C 112 -1.86 9.58 20.32
N PRO C 113 -1.99 10.48 21.30
CA PRO C 113 -2.93 10.23 22.39
C PRO C 113 -4.35 10.57 21.95
N LYS C 114 -5.33 10.18 22.76
CA LYS C 114 -6.70 10.49 22.46
C LYS C 114 -7.02 11.77 23.21
N LEU C 115 -7.83 12.62 22.60
CA LEU C 115 -8.21 13.89 23.22
C LEU C 115 -9.67 13.87 23.60
N GLU C 116 -9.96 14.34 24.80
CA GLU C 116 -11.32 14.39 25.34
C GLU C 116 -11.62 15.78 25.89
N GLY C 117 -12.70 16.38 25.42
CA GLY C 117 -13.05 17.70 25.89
C GLY C 117 -13.96 17.72 27.10
N GLN C 118 -13.82 18.76 27.90
CA GLN C 118 -14.64 18.88 29.09
C GLN C 118 -14.80 20.36 29.41
N ARG C 119 -15.92 20.71 30.01
CA ARG C 119 -16.18 22.09 30.36
C ARG C 119 -15.05 22.62 31.23
N GLY C 120 -14.74 23.90 31.05
CA GLY C 120 -13.73 24.54 31.86
C GLY C 120 -14.51 25.21 32.98
N GLU C 121 -13.86 26.02 33.82
CA GLU C 121 -14.60 26.69 34.87
C GLU C 121 -15.55 27.72 34.26
N ASP C 122 -15.15 28.30 33.12
CA ASP C 122 -15.96 29.30 32.44
C ASP C 122 -16.40 28.83 31.05
N GLY C 123 -17.27 29.61 30.42
CA GLY C 123 -17.75 29.26 29.09
C GLY C 123 -16.78 29.60 27.98
N ASN C 124 -15.73 30.34 28.31
CA ASN C 124 -14.72 30.68 27.31
C ASN C 124 -13.45 29.94 27.67
N SER C 125 -13.63 28.75 28.23
CA SER C 125 -12.52 27.90 28.61
C SER C 125 -12.89 26.46 28.29
N ILE C 126 -11.88 25.61 28.24
CA ILE C 126 -12.11 24.19 27.96
C ILE C 126 -11.04 23.42 28.69
N LYS C 127 -11.32 22.15 28.94
CA LYS C 127 -10.38 21.27 29.58
C LYS C 127 -10.20 20.07 28.66
N VAL C 128 -8.97 19.86 28.19
CA VAL C 128 -8.68 18.73 27.30
C VAL C 128 -7.97 17.64 28.13
N ASN C 129 -8.63 16.51 28.28
CA ASN C 129 -8.09 15.38 29.04
C ASN C 129 -7.34 14.48 28.07
N LEU C 130 -6.15 14.02 28.47
CA LEU C 130 -5.36 13.14 27.62
C LEU C 130 -5.45 11.64 27.99
N ILE C 131 -5.82 10.82 27.02
CA ILE C 131 -5.90 9.37 27.21
C ILE C 131 -4.63 8.80 26.55
N LYS C 132 -3.67 8.38 27.38
CA LYS C 132 -2.38 7.84 26.95
C LYS C 132 -2.42 6.55 26.12
N GLN C 133 -1.51 6.45 25.16
CA GLN C 133 -1.45 5.29 24.31
C GLN C 133 -0.03 4.78 24.11
N ASP C 134 0.10 3.71 23.36
CA ASP C 134 1.38 3.08 23.12
C ASP C 134 2.45 4.11 22.78
N ASP C 135 3.53 4.10 23.56
CA ASP C 135 4.62 5.04 23.34
C ASP C 135 5.65 4.53 22.36
N GLY C 136 5.41 3.33 21.80
CA GLY C 136 6.33 2.78 20.82
C GLY C 136 7.49 1.92 21.31
N GLY C 137 7.64 1.77 22.62
CA GLY C 137 8.73 0.97 23.14
C GLY C 137 9.82 1.80 23.77
N SER C 138 9.60 3.10 23.82
CA SER C 138 10.53 4.06 24.39
C SER C 138 9.69 5.08 25.17
N PRO C 139 10.24 5.63 26.27
CA PRO C 139 9.49 6.62 27.06
C PRO C 139 9.10 7.87 26.29
N ILE C 140 7.99 8.48 26.70
CA ILE C 140 7.53 9.70 26.08
C ILE C 140 8.38 10.80 26.64
N ARG C 141 8.90 11.62 25.73
CA ARG C 141 9.76 12.74 26.10
C ARG C 141 8.89 13.95 26.41
N HIS C 142 7.99 14.31 25.49
CA HIS C 142 7.12 15.45 25.68
C HIS C 142 5.81 15.29 24.90
N TYR C 143 4.85 16.14 25.24
CA TYR C 143 3.59 16.20 24.52
C TYR C 143 3.63 17.62 23.95
N LEU C 144 3.63 17.75 22.62
CA LEU C 144 3.70 19.06 21.98
C LEU C 144 2.31 19.59 21.64
N VAL C 145 1.89 20.61 22.36
CA VAL C 145 0.58 21.23 22.20
C VAL C 145 0.54 22.51 21.38
N ARG C 146 -0.53 22.66 20.59
CA ARG C 146 -0.73 23.86 19.79
C ARG C 146 -2.22 24.09 19.72
N TYR C 147 -2.63 25.35 19.69
CA TYR C 147 -4.05 25.67 19.63
C TYR C 147 -4.26 27.01 18.94
N ARG C 148 -5.47 27.25 18.46
CA ARG C 148 -5.74 28.50 17.79
C ARG C 148 -7.21 28.70 17.47
N ALA C 149 -7.55 29.96 17.21
CA ALA C 149 -8.90 30.32 16.84
C ALA C 149 -8.94 29.96 15.36
N LEU C 150 -9.98 29.25 14.92
CA LEU C 150 -10.03 28.90 13.50
C LEU C 150 -9.87 30.17 12.66
N SER C 151 -9.27 30.01 11.49
CA SER C 151 -9.03 31.11 10.56
C SER C 151 -8.09 32.14 11.18
N SER C 152 -7.10 31.64 11.91
CA SER C 152 -6.13 32.52 12.55
C SER C 152 -4.81 31.76 12.76
N GLU C 153 -3.78 32.49 13.20
CA GLU C 153 -2.45 31.91 13.41
C GLU C 153 -2.32 31.15 14.73
N TRP C 154 -1.58 30.04 14.70
CA TRP C 154 -1.36 29.25 15.90
C TRP C 154 -0.68 30.10 16.93
N LYS C 155 -1.01 29.89 18.20
CA LYS C 155 -0.37 30.64 19.28
C LYS C 155 1.00 29.97 19.46
N PRO C 156 1.83 30.46 20.38
CA PRO C 156 3.13 29.82 20.54
C PRO C 156 2.93 28.38 21.01
N GLU C 157 3.79 27.47 20.55
CA GLU C 157 3.68 26.07 20.94
C GLU C 157 3.87 25.91 22.43
N ILE C 158 3.45 24.78 22.96
CA ILE C 158 3.58 24.49 24.39
C ILE C 158 4.19 23.11 24.55
N ARG C 159 5.19 22.99 25.42
CA ARG C 159 5.80 21.68 25.65
C ARG C 159 5.39 21.18 27.02
N LEU C 160 4.82 19.97 27.05
CA LEU C 160 4.37 19.36 28.28
C LEU C 160 5.18 18.12 28.66
N PRO C 161 5.23 17.82 29.96
CA PRO C 161 5.97 16.66 30.46
C PRO C 161 5.18 15.41 30.13
N SER C 162 5.84 14.26 30.21
CA SER C 162 5.23 12.97 29.95
C SER C 162 4.16 12.67 30.99
N GLY C 163 4.31 13.28 32.17
CA GLY C 163 3.37 13.05 33.25
C GLY C 163 2.13 13.91 33.25
N SER C 164 1.92 14.70 32.21
CA SER C 164 0.73 15.54 32.15
C SER C 164 -0.48 14.71 31.77
N ASP C 165 -1.66 15.11 32.23
CA ASP C 165 -2.89 14.41 31.93
C ASP C 165 -3.98 15.31 31.39
N HIS C 166 -3.87 16.61 31.69
CA HIS C 166 -4.85 17.61 31.25
C HIS C 166 -4.19 18.91 30.84
N VAL C 167 -4.74 19.55 29.81
CA VAL C 167 -4.25 20.84 29.35
C VAL C 167 -5.50 21.72 29.35
N MET C 168 -5.45 22.84 30.08
CA MET C 168 -6.59 23.74 30.19
C MET C 168 -6.37 25.03 29.40
N LEU C 169 -7.41 25.48 28.69
CA LEU C 169 -7.34 26.73 27.90
C LEU C 169 -8.40 27.70 28.43
N LYS C 170 -7.94 28.79 29.05
CA LYS C 170 -8.82 29.79 29.64
C LYS C 170 -8.70 31.14 28.91
N SER C 171 -9.52 32.09 29.32
CA SER C 171 -9.49 33.42 28.73
C SER C 171 -9.60 33.41 27.22
N LEU C 172 -10.48 32.58 26.67
CA LEU C 172 -10.67 32.52 25.23
C LEU C 172 -11.75 33.52 24.82
N ASP C 173 -11.85 33.82 23.53
CA ASP C 173 -12.88 34.73 23.05
C ASP C 173 -14.22 34.04 23.22
N TRP C 174 -15.29 34.82 23.24
CA TRP C 174 -16.60 34.24 23.40
C TRP C 174 -17.20 33.90 22.05
N ASN C 175 -18.02 32.86 22.02
CA ASN C 175 -18.70 32.48 20.80
C ASN C 175 -17.71 32.27 19.65
N ALA C 176 -16.57 31.66 19.94
CA ALA C 176 -15.55 31.43 18.92
C ALA C 176 -15.11 29.98 18.80
N GLU C 177 -14.79 29.57 17.57
CA GLU C 177 -14.35 28.22 17.27
C GLU C 177 -12.82 28.10 17.35
N TYR C 178 -12.35 27.12 18.12
CA TYR C 178 -10.92 26.91 18.28
C TYR C 178 -10.51 25.51 17.86
N GLU C 179 -9.22 25.24 17.88
CA GLU C 179 -8.72 23.93 17.48
C GLU C 179 -7.43 23.62 18.20
N VAL C 180 -7.37 22.43 18.79
CA VAL C 180 -6.18 22.00 19.52
C VAL C 180 -5.48 20.82 18.83
N TYR C 181 -4.16 20.81 18.93
CA TYR C 181 -3.33 19.76 18.34
C TYR C 181 -2.36 19.26 19.38
N VAL C 182 -2.27 17.94 19.53
CA VAL C 182 -1.36 17.35 20.50
C VAL C 182 -0.55 16.24 19.82
N VAL C 183 0.77 16.26 20.05
CA VAL C 183 1.65 15.27 19.46
C VAL C 183 2.53 14.61 20.51
N ALA C 184 2.57 13.29 20.51
CA ALA C 184 3.38 12.55 21.46
C ALA C 184 4.79 12.43 20.92
N GLU C 185 5.79 12.61 21.79
CA GLU C 185 7.17 12.53 21.35
C GLU C 185 8.05 11.61 22.21
N ASN C 186 8.94 10.85 21.57
CA ASN C 186 9.87 9.98 22.27
C ASN C 186 11.22 10.07 21.55
N GLN C 187 12.22 9.35 22.04
CA GLN C 187 13.57 9.38 21.45
C GLN C 187 13.57 9.11 19.94
N GLN C 188 12.74 8.18 19.52
CA GLN C 188 12.61 7.76 18.13
C GLN C 188 11.97 8.84 17.24
N GLY C 189 11.16 9.71 17.82
CA GLY C 189 10.54 10.74 17.02
C GLY C 189 9.17 11.19 17.48
N LYS C 190 8.44 11.86 16.58
CA LYS C 190 7.12 12.36 16.90
C LYS C 190 6.03 11.46 16.31
N SER C 191 4.83 11.58 16.85
CA SER C 191 3.69 10.80 16.38
C SER C 191 2.79 11.73 15.55
N LYS C 192 1.72 11.15 15.02
CA LYS C 192 0.75 11.89 14.24
C LYS C 192 0.03 12.81 15.24
N ALA C 193 -0.46 13.95 14.76
CA ALA C 193 -1.15 14.89 15.64
C ALA C 193 -2.59 14.52 15.91
N ALA C 194 -3.01 14.71 17.16
CA ALA C 194 -4.39 14.46 17.55
C ALA C 194 -5.06 15.82 17.35
N HIS C 195 -6.37 15.83 17.10
CA HIS C 195 -7.08 17.07 16.86
C HIS C 195 -8.31 17.20 17.72
N PHE C 196 -8.56 18.42 18.18
CA PHE C 196 -9.75 18.67 18.96
C PHE C 196 -10.31 20.03 18.56
N VAL C 197 -11.52 20.02 18.02
CA VAL C 197 -12.15 21.25 17.60
C VAL C 197 -13.36 21.56 18.48
N PHE C 198 -13.36 22.74 19.09
CA PHE C 198 -14.46 23.12 19.95
C PHE C 198 -14.89 24.57 19.75
N ARG C 199 -16.00 24.93 20.38
CA ARG C 199 -16.56 26.27 20.27
C ARG C 199 -17.04 26.76 21.63
N THR C 200 -16.63 27.95 22.01
CA THR C 200 -17.01 28.52 23.29
C THR C 200 -18.44 29.05 23.36
N ALA C 201 -18.90 29.28 24.59
CA ALA C 201 -20.24 29.80 24.85
C ALA C 201 -20.42 31.23 24.30
N ALA C 202 -21.68 31.66 24.20
CA ALA C 202 -22.02 32.98 23.64
C ALA C 202 -21.51 34.20 24.40
N ALA C 203 -21.75 34.27 25.71
CA ALA C 203 -21.29 35.39 26.52
C ALA C 203 -21.21 34.96 27.97
N HIS C 204 -20.56 35.68 28.78
N ALA D 6 5.31 11.18 63.14
CA ALA D 6 4.21 10.45 62.44
C ALA D 6 3.85 11.15 61.13
N ASP D 7 3.95 10.39 60.03
CA ASP D 7 3.62 10.90 58.71
C ASP D 7 3.67 9.79 57.66
N THR D 8 2.62 9.69 56.85
CA THR D 8 2.55 8.69 55.78
C THR D 8 3.10 9.34 54.52
N PRO D 9 3.51 8.52 53.53
CA PRO D 9 4.05 9.11 52.30
C PRO D 9 3.04 9.96 51.55
N SER D 10 3.54 10.74 50.62
CA SER D 10 2.70 11.60 49.80
C SER D 10 2.44 10.86 48.50
N SER D 11 1.38 11.24 47.80
CA SER D 11 1.00 10.61 46.54
C SER D 11 2.11 10.57 45.51
N PRO D 12 2.46 9.37 45.01
CA PRO D 12 3.51 9.26 44.00
C PRO D 12 3.16 10.10 42.78
N SER D 13 4.09 10.16 41.84
CA SER D 13 3.88 10.94 40.62
C SER D 13 4.06 10.01 39.42
N ILE D 14 3.00 9.85 38.62
CA ILE D 14 3.04 8.98 37.44
C ILE D 14 3.57 9.66 36.18
N ASP D 15 4.79 9.29 35.78
CA ASP D 15 5.43 9.88 34.60
C ASP D 15 5.16 9.11 33.32
N GLN D 16 5.03 7.79 33.43
CA GLN D 16 4.80 6.97 32.25
C GLN D 16 3.77 5.90 32.45
N VAL D 17 3.01 5.64 31.42
CA VAL D 17 2.04 4.56 31.45
C VAL D 17 2.11 3.99 30.05
N GLU D 18 2.82 2.89 29.90
CA GLU D 18 2.94 2.25 28.60
C GLU D 18 1.96 1.09 28.62
N PRO D 19 0.85 1.21 27.89
CA PRO D 19 -0.10 0.09 27.92
C PRO D 19 0.08 -0.93 26.81
N TYR D 20 -0.17 -2.17 27.15
CA TYR D 20 -0.11 -3.24 26.19
C TYR D 20 -1.55 -3.75 26.11
N SER D 21 -1.73 -5.01 25.75
CA SER D 21 -3.07 -5.59 25.65
C SER D 21 -3.71 -5.90 27.01
N SER D 22 -3.02 -6.66 27.85
CA SER D 22 -3.58 -7.02 29.14
C SER D 22 -2.78 -6.52 30.33
N THR D 23 -1.71 -5.78 30.08
CA THR D 23 -0.89 -5.29 31.17
C THR D 23 -0.53 -3.85 30.92
N ALA D 24 0.01 -3.17 31.93
CA ALA D 24 0.42 -1.78 31.77
C ALA D 24 1.58 -1.42 32.70
N GLN D 25 2.64 -0.86 32.12
CA GLN D 25 3.82 -0.47 32.88
C GLN D 25 3.69 0.99 33.32
N VAL D 26 3.62 1.20 34.63
CA VAL D 26 3.48 2.53 35.19
C VAL D 26 4.77 3.01 35.83
N GLN D 27 5.34 4.09 35.29
CA GLN D 27 6.56 4.65 35.84
C GLN D 27 6.17 5.79 36.76
N PHE D 28 6.78 5.84 37.94
CA PHE D 28 6.45 6.86 38.93
C PHE D 28 7.70 7.40 39.65
N ASP D 29 7.54 8.55 40.28
CA ASP D 29 8.62 9.18 41.04
C ASP D 29 8.44 8.94 42.53
N GLU D 30 9.45 8.35 43.17
CA GLU D 30 9.42 8.04 44.59
C GLU D 30 9.08 9.22 45.49
N PRO D 31 8.09 9.04 46.39
CA PRO D 31 7.68 10.11 47.31
C PRO D 31 8.64 10.23 48.51
N GLU D 32 9.76 10.94 48.32
CA GLU D 32 10.76 11.15 49.36
C GLU D 32 10.17 11.65 50.69
N ALA D 33 8.95 12.18 50.65
CA ALA D 33 8.29 12.71 51.83
C ALA D 33 7.74 11.61 52.76
N THR D 34 8.63 11.03 53.56
CA THR D 34 8.27 9.98 54.50
C THR D 34 9.10 10.17 55.77
N GLY D 35 8.58 9.67 56.89
CA GLY D 35 9.24 9.82 58.18
C GLY D 35 10.71 9.44 58.28
N GLY D 36 10.98 8.41 59.07
CA GLY D 36 12.33 7.96 59.26
C GLY D 36 12.82 7.06 58.14
N VAL D 37 12.50 7.45 56.91
CA VAL D 37 12.89 6.70 55.72
C VAL D 37 12.04 5.42 55.53
N PRO D 38 10.74 5.49 55.86
CA PRO D 38 9.96 4.25 55.66
C PRO D 38 9.05 4.25 54.43
N ILE D 39 9.30 3.33 53.51
CA ILE D 39 8.49 3.19 52.30
C ILE D 39 8.40 1.72 51.97
N LEU D 40 7.37 1.08 52.49
CA LEU D 40 7.15 -0.34 52.29
C LEU D 40 5.84 -0.54 51.52
N LYS D 41 5.92 -1.26 50.41
CA LYS D 41 4.75 -1.54 49.58
C LYS D 41 4.12 -0.31 48.92
N TYR D 42 3.61 -0.52 47.71
CA TYR D 42 2.94 0.51 46.92
C TYR D 42 1.54 0.00 46.58
N LYS D 43 0.54 0.88 46.67
CA LYS D 43 -0.84 0.51 46.36
C LYS D 43 -1.26 1.09 45.01
N ALA D 44 -1.59 0.22 44.07
CA ALA D 44 -2.01 0.65 42.74
C ALA D 44 -3.50 0.42 42.57
N GLU D 45 -4.16 1.33 41.89
CA GLU D 45 -5.61 1.24 41.66
C GLU D 45 -6.00 1.57 40.24
N TRP D 46 -6.79 0.69 39.62
CA TRP D 46 -7.26 0.94 38.26
C TRP D 46 -8.72 0.52 38.10
N ARG D 47 -9.40 1.22 37.22
CA ARG D 47 -10.80 0.95 36.98
C ARG D 47 -11.16 1.30 35.56
N ALA D 48 -11.60 0.31 34.79
CA ALA D 48 -11.98 0.59 33.42
C ALA D 48 -12.90 1.80 33.43
N VAL D 49 -12.47 2.86 32.75
CA VAL D 49 -13.25 4.09 32.68
C VAL D 49 -14.73 3.77 32.50
N GLY D 50 -15.58 4.43 33.27
CA GLY D 50 -17.00 4.18 33.11
C GLY D 50 -17.55 3.01 33.91
N GLU D 51 -16.69 2.35 34.68
CA GLU D 51 -17.14 1.24 35.50
C GLU D 51 -17.21 1.66 36.97
N GLU D 52 -17.87 0.83 37.77
CA GLU D 52 -18.11 1.10 39.18
C GLU D 52 -16.94 1.18 40.16
N VAL D 53 -16.55 0.02 40.70
CA VAL D 53 -15.48 -0.02 41.68
C VAL D 53 -14.08 -0.16 41.11
N TRP D 54 -13.11 0.30 41.89
CA TRP D 54 -11.70 0.26 41.53
C TRP D 54 -11.03 -1.05 41.90
N HIS D 55 -10.15 -1.53 41.04
CA HIS D 55 -9.38 -2.75 41.31
C HIS D 55 -8.14 -2.25 42.04
N SER D 56 -7.30 -3.18 42.50
CA SER D 56 -6.07 -2.76 43.18
C SER D 56 -5.17 -3.93 43.54
N LYS D 57 -3.90 -3.62 43.74
CA LYS D 57 -2.93 -4.63 44.11
C LYS D 57 -1.76 -3.95 44.79
N TRP D 58 -1.12 -4.67 45.70
CA TRP D 58 0.02 -4.13 46.41
C TRP D 58 1.32 -4.61 45.78
N TYR D 59 2.34 -3.76 45.83
CA TYR D 59 3.65 -4.08 45.27
C TYR D 59 4.74 -3.79 46.30
N ASP D 60 5.75 -4.65 46.34
CA ASP D 60 6.85 -4.45 47.28
C ASP D 60 7.65 -3.20 46.93
N ALA D 61 7.57 -2.20 47.80
CA ALA D 61 8.27 -0.94 47.60
C ALA D 61 9.72 -1.15 47.19
N LYS D 62 10.38 -2.10 47.84
CA LYS D 62 11.77 -2.38 47.55
C LYS D 62 11.95 -2.79 46.09
N GLU D 63 11.30 -3.87 45.70
CA GLU D 63 11.39 -4.39 44.33
C GLU D 63 11.01 -3.34 43.29
N ALA D 64 9.94 -2.59 43.57
CA ALA D 64 9.46 -1.56 42.65
C ALA D 64 10.45 -0.40 42.54
N SER D 65 10.95 0.07 43.68
CA SER D 65 11.90 1.16 43.72
C SER D 65 13.10 0.88 42.83
N MET D 66 13.57 -0.36 42.80
CA MET D 66 14.70 -0.71 41.97
C MET D 66 14.36 -0.39 40.52
N GLU D 67 13.41 -1.12 39.97
CA GLU D 67 12.99 -0.93 38.58
C GLU D 67 12.31 0.41 38.28
N GLY D 68 11.71 1.03 39.29
CA GLY D 68 11.04 2.30 39.06
C GLY D 68 9.69 2.16 38.38
N ILE D 69 9.19 0.94 38.25
CA ILE D 69 7.89 0.68 37.63
C ILE D 69 7.13 -0.45 38.32
N VAL D 70 5.80 -0.41 38.18
CA VAL D 70 4.92 -1.46 38.71
C VAL D 70 4.12 -1.84 37.47
N THR D 71 3.70 -3.10 37.37
CA THR D 71 2.95 -3.50 36.19
C THR D 71 1.59 -4.05 36.57
N ILE D 72 0.52 -3.38 36.15
CA ILE D 72 -0.82 -3.88 36.46
C ILE D 72 -1.21 -4.89 35.39
N VAL D 73 -1.89 -5.96 35.80
CA VAL D 73 -2.29 -7.04 34.89
C VAL D 73 -3.77 -7.36 34.87
N GLY D 74 -4.15 -8.27 33.99
CA GLY D 74 -5.54 -8.67 33.88
C GLY D 74 -6.41 -7.63 33.24
N LEU D 75 -5.83 -6.82 32.38
CA LEU D 75 -6.59 -5.76 31.72
C LEU D 75 -7.24 -6.27 30.43
N LYS D 76 -8.28 -5.56 29.97
CA LYS D 76 -8.95 -5.92 28.73
C LYS D 76 -8.32 -5.11 27.59
N PRO D 77 -8.15 -5.72 26.40
CA PRO D 77 -7.57 -4.98 25.28
C PRO D 77 -8.53 -3.91 24.79
N GLU D 78 -7.99 -2.91 24.10
CA GLU D 78 -8.80 -1.81 23.55
C GLU D 78 -9.78 -1.18 24.52
N THR D 79 -9.39 -1.10 25.78
CA THR D 79 -10.25 -0.54 26.80
C THR D 79 -9.54 0.65 27.48
N THR D 80 -10.32 1.67 27.82
CA THR D 80 -9.78 2.86 28.48
C THR D 80 -9.77 2.60 29.98
N TYR D 81 -8.69 3.02 30.64
CA TYR D 81 -8.53 2.82 32.08
C TYR D 81 -8.06 4.08 32.79
N ALA D 82 -8.18 4.03 34.10
CA ALA D 82 -7.74 5.10 34.97
C ALA D 82 -6.92 4.37 36.03
N VAL D 83 -5.73 4.89 36.32
CA VAL D 83 -4.86 4.30 37.31
C VAL D 83 -4.29 5.41 38.19
N ARG D 84 -4.12 5.11 39.47
CA ARG D 84 -3.56 6.07 40.40
C ARG D 84 -2.74 5.32 41.43
N LEU D 85 -1.73 5.96 41.98
CA LEU D 85 -0.86 5.30 42.96
C LEU D 85 -0.84 5.91 44.34
N ALA D 86 -0.57 5.06 45.33
CA ALA D 86 -0.51 5.49 46.72
C ALA D 86 0.61 4.74 47.44
N ALA D 87 1.41 5.49 48.20
CA ALA D 87 2.53 4.94 48.95
C ALA D 87 2.13 4.63 50.40
N LEU D 88 2.86 3.73 51.04
CA LEU D 88 2.54 3.37 52.42
C LEU D 88 3.74 2.98 53.29
N ASN D 89 3.86 3.66 54.43
CA ASN D 89 4.93 3.40 55.40
C ASN D 89 4.26 2.99 56.71
N GLY D 90 5.05 2.47 57.64
CA GLY D 90 4.53 2.02 58.92
C GLY D 90 3.38 2.84 59.52
N LYS D 91 3.38 4.14 59.27
CA LYS D 91 2.33 5.01 59.81
C LYS D 91 0.95 4.86 59.18
N GLY D 92 0.89 4.19 58.03
CA GLY D 92 -0.39 4.01 57.34
C GLY D 92 -0.30 4.08 55.83
N LEU D 93 -1.34 4.64 55.20
CA LEU D 93 -1.39 4.76 53.74
C LEU D 93 -1.38 6.21 53.31
N GLY D 94 -0.50 6.55 52.38
CA GLY D 94 -0.42 7.93 51.89
C GLY D 94 -1.54 8.34 50.94
N GLU D 95 -1.49 9.59 50.49
CA GLU D 95 -2.50 10.13 49.58
C GLU D 95 -2.43 9.47 48.22
N ILE D 96 -3.59 9.40 47.55
CA ILE D 96 -3.68 8.81 46.22
C ILE D 96 -3.27 9.87 45.20
N SER D 97 -2.51 9.44 44.20
CA SER D 97 -2.07 10.36 43.16
C SER D 97 -3.24 10.72 42.27
N ALA D 98 -2.98 11.64 41.34
CA ALA D 98 -4.00 12.04 40.39
C ALA D 98 -4.21 10.83 39.47
N ALA D 99 -5.39 10.74 38.87
CA ALA D 99 -5.68 9.63 37.98
C ALA D 99 -5.02 9.86 36.64
N SER D 100 -4.45 8.81 36.08
CA SER D 100 -3.80 8.87 34.78
C SER D 100 -4.60 7.94 33.86
N GLU D 101 -5.10 8.49 32.76
CA GLU D 101 -5.94 7.74 31.80
C GLU D 101 -5.18 7.25 30.56
N PHE D 102 -5.47 6.02 30.16
CA PHE D 102 -4.83 5.41 28.99
C PHE D 102 -5.79 4.40 28.38
N LYS D 103 -5.46 3.89 27.20
CA LYS D 103 -6.28 2.90 26.51
C LYS D 103 -5.36 1.76 26.11
N THR D 104 -5.72 0.53 26.48
CA THR D 104 -4.90 -0.62 26.15
C THR D 104 -4.94 -0.96 24.66
N GLN D 105 -3.88 -1.60 24.18
CA GLN D 105 -3.76 -2.01 22.79
C GLN D 105 -4.64 -3.21 22.53
N PRO D 106 -4.93 -3.49 21.26
CA PRO D 106 -5.75 -4.65 20.88
C PRO D 106 -4.79 -5.82 20.71
N VAL D 107 -5.27 -7.06 20.81
CA VAL D 107 -4.38 -8.20 20.63
C VAL D 107 -4.22 -8.42 19.12
N ARG D 108 -3.06 -8.88 18.69
CA ARG D 108 -2.82 -9.10 17.26
C ARG D 108 -2.31 -10.49 16.95
N GLU D 109 -2.18 -10.78 15.66
CA GLU D 109 -1.64 -12.06 15.23
C GLU D 109 -0.22 -12.01 15.75
N PRO D 110 0.26 -13.09 16.36
CA PRO D 110 1.64 -13.06 16.86
C PRO D 110 2.64 -13.15 15.71
N SER D 111 3.88 -12.77 15.98
CA SER D 111 4.93 -12.85 14.96
C SER D 111 5.44 -14.28 14.96
N ALA D 112 5.95 -14.73 13.81
CA ALA D 112 6.48 -16.08 13.69
C ALA D 112 7.82 -16.14 14.46
N PRO D 113 8.17 -17.33 14.96
CA PRO D 113 9.43 -17.45 15.70
C PRO D 113 10.61 -17.50 14.74
N LYS D 114 11.80 -17.22 15.25
CA LYS D 114 12.98 -17.30 14.41
C LYS D 114 13.47 -18.73 14.60
N LEU D 115 13.83 -19.38 13.50
CA LEU D 115 14.30 -20.76 13.54
C LEU D 115 15.79 -20.79 13.40
N GLU D 116 16.42 -21.63 14.21
CA GLU D 116 17.87 -21.81 14.20
C GLU D 116 18.19 -23.31 14.08
N GLY D 117 18.96 -23.66 13.06
CA GLY D 117 19.31 -25.06 12.86
C GLY D 117 20.47 -25.54 13.73
N GLN D 118 20.39 -26.79 14.17
CA GLN D 118 21.43 -27.40 14.99
C GLN D 118 21.43 -28.88 14.67
N ARG D 119 22.59 -29.52 14.79
CA ARG D 119 22.71 -30.95 14.53
C ARG D 119 21.92 -31.81 15.50
N GLY D 120 21.25 -32.84 14.98
CA GLY D 120 20.52 -33.76 15.84
C GLY D 120 21.49 -34.85 16.26
N GLU D 121 21.01 -35.95 16.82
CA GLU D 121 21.94 -37.01 17.23
C GLU D 121 22.64 -37.71 16.07
N ASP D 122 21.93 -37.92 14.96
CA ASP D 122 22.53 -38.60 13.81
C ASP D 122 22.53 -37.78 12.51
N GLY D 123 23.09 -38.37 11.46
CA GLY D 123 23.18 -37.69 10.18
C GLY D 123 21.85 -37.39 9.51
N ASN D 124 20.79 -38.07 9.94
CA ASN D 124 19.47 -37.85 9.36
C ASN D 124 18.48 -37.29 10.36
N SER D 125 18.96 -36.35 11.17
CA SER D 125 18.13 -35.71 12.17
C SER D 125 18.56 -34.25 12.24
N ILE D 126 17.76 -33.43 12.90
CA ILE D 126 18.08 -32.03 13.04
C ILE D 126 17.30 -31.42 14.19
N LYS D 127 17.96 -30.53 14.90
CA LYS D 127 17.35 -29.84 16.02
C LYS D 127 17.01 -28.44 15.52
N VAL D 128 15.75 -28.04 15.61
CA VAL D 128 15.35 -26.71 15.17
C VAL D 128 15.03 -25.84 16.38
N ASN D 129 16.00 -25.04 16.80
CA ASN D 129 15.85 -24.17 17.95
C ASN D 129 14.85 -23.03 17.69
N LEU D 130 14.04 -22.71 18.71
CA LEU D 130 13.04 -21.64 18.58
C LEU D 130 13.43 -20.37 19.33
N ILE D 131 13.64 -19.30 18.58
CA ILE D 131 13.95 -17.99 19.17
C ILE D 131 12.59 -17.30 19.14
N LYS D 132 11.97 -17.12 20.31
CA LYS D 132 10.65 -16.51 20.41
C LYS D 132 10.61 -15.02 20.15
N GLN D 133 9.46 -14.55 19.67
CA GLN D 133 9.29 -13.13 19.38
C GLN D 133 7.92 -12.63 19.82
N ASP D 134 7.63 -11.36 19.51
CA ASP D 134 6.38 -10.73 19.87
C ASP D 134 5.17 -11.64 19.61
N ASP D 135 4.42 -11.94 20.67
CA ASP D 135 3.24 -12.81 20.55
C ASP D 135 1.92 -12.12 20.26
N GLY D 136 2.00 -10.82 19.92
CA GLY D 136 0.80 -10.08 19.59
C GLY D 136 -0.09 -9.57 20.71
N GLY D 137 0.36 -9.72 21.95
CA GLY D 137 -0.46 -9.24 23.06
C GLY D 137 -1.23 -10.33 23.76
N SER D 138 -1.08 -11.57 23.31
CA SER D 138 -1.77 -12.69 23.92
C SER D 138 -0.85 -13.91 23.99
N PRO D 139 -0.88 -14.61 25.13
CA PRO D 139 -0.03 -15.79 25.28
C PRO D 139 -0.19 -16.73 24.12
N ILE D 140 0.88 -17.45 23.81
CA ILE D 140 0.84 -18.40 22.74
C ILE D 140 0.27 -19.72 23.25
N ARG D 141 -0.70 -20.26 22.51
CA ARG D 141 -1.34 -21.51 22.84
C ARG D 141 -0.37 -22.65 22.60
N HIS D 142 0.30 -22.59 21.46
CA HIS D 142 1.25 -23.61 21.07
C HIS D 142 1.83 -23.26 19.71
N TYR D 143 2.77 -24.09 19.25
CA TYR D 143 3.38 -23.91 17.95
C TYR D 143 2.93 -25.11 17.10
N LEU D 144 2.75 -24.88 15.81
CA LEU D 144 2.32 -25.92 14.89
C LEU D 144 3.43 -26.18 13.89
N VAL D 145 4.08 -27.33 14.04
CA VAL D 145 5.17 -27.76 13.17
C VAL D 145 4.69 -28.68 12.05
N ARG D 146 5.01 -28.31 10.81
CA ARG D 146 4.64 -29.13 9.66
C ARG D 146 5.85 -29.22 8.75
N TYR D 147 6.28 -30.43 8.44
CA TYR D 147 7.45 -30.63 7.59
C TYR D 147 7.24 -31.72 6.53
N ARG D 148 8.21 -31.83 5.61
CA ARG D 148 8.16 -32.82 4.54
C ARG D 148 9.47 -32.89 3.77
N ALA D 149 9.58 -33.90 2.91
CA ALA D 149 10.74 -34.03 2.06
C ALA D 149 10.24 -33.26 0.85
N LEU D 150 11.13 -32.54 0.18
CA LEU D 150 10.70 -31.78 -1.00
C LEU D 150 10.18 -32.76 -2.06
N SER D 151 9.04 -32.40 -2.65
CA SER D 151 8.34 -33.19 -3.68
C SER D 151 7.57 -34.36 -3.08
N SER D 152 8.03 -34.85 -1.93
CA SER D 152 7.35 -35.96 -1.27
C SER D 152 6.10 -35.38 -0.59
N GLU D 153 5.38 -36.20 0.18
CA GLU D 153 4.16 -35.73 0.85
C GLU D 153 4.42 -35.21 2.26
N TRP D 154 3.44 -34.49 2.80
CA TRP D 154 3.51 -33.92 4.14
C TRP D 154 3.51 -34.98 5.26
N LYS D 155 4.44 -34.83 6.19
CA LYS D 155 4.52 -35.76 7.31
C LYS D 155 3.45 -35.38 8.32
N PRO D 156 3.25 -36.21 9.35
CA PRO D 156 2.22 -35.87 10.34
C PRO D 156 2.61 -34.57 11.07
N GLU D 157 1.67 -33.64 11.10
CA GLU D 157 1.86 -32.35 11.76
C GLU D 157 2.06 -32.53 13.26
N ILE D 158 2.98 -31.75 13.81
CA ILE D 158 3.31 -31.81 15.24
C ILE D 158 2.75 -30.61 15.98
N ARG D 159 2.53 -30.76 17.28
CA ARG D 159 2.02 -29.66 18.10
C ARG D 159 3.01 -29.40 19.25
N LEU D 160 3.54 -28.19 19.31
CA LEU D 160 4.53 -27.85 20.34
C LEU D 160 4.01 -26.95 21.46
N PRO D 161 4.26 -27.34 22.71
CA PRO D 161 3.83 -26.55 23.86
C PRO D 161 4.45 -25.15 23.78
N SER D 162 3.72 -24.14 24.21
CA SER D 162 4.22 -22.78 24.17
C SER D 162 5.60 -22.66 24.80
N GLY D 163 5.92 -23.57 25.71
CA GLY D 163 7.20 -23.53 26.38
C GLY D 163 8.31 -24.24 25.66
N SER D 164 8.00 -24.95 24.57
CA SER D 164 9.03 -25.66 23.82
C SER D 164 10.08 -24.67 23.39
N ASP D 165 11.33 -25.14 23.33
CA ASP D 165 12.43 -24.30 22.91
C ASP D 165 12.98 -24.78 21.58
N HIS D 166 12.57 -25.98 21.18
CA HIS D 166 13.01 -26.56 19.91
C HIS D 166 12.13 -27.72 19.47
N VAL D 167 12.32 -28.14 18.23
CA VAL D 167 11.59 -29.27 17.67
C VAL D 167 12.63 -30.17 17.07
N MET D 168 12.56 -31.46 17.41
CA MET D 168 13.51 -32.43 16.91
C MET D 168 12.88 -33.25 15.80
N LEU D 169 13.58 -33.38 14.69
CA LEU D 169 13.11 -34.18 13.57
C LEU D 169 14.15 -35.29 13.41
N LYS D 170 13.72 -36.53 13.61
CA LYS D 170 14.62 -37.68 13.51
C LYS D 170 14.09 -38.75 12.58
N SER D 171 14.87 -39.82 12.43
CA SER D 171 14.49 -40.94 11.58
C SER D 171 14.07 -40.48 10.19
N LEU D 172 14.86 -39.59 9.61
CA LEU D 172 14.55 -39.08 8.28
C LEU D 172 15.28 -39.87 7.22
N ASP D 173 14.83 -39.73 5.96
CA ASP D 173 15.48 -40.42 4.85
C ASP D 173 16.90 -39.88 4.77
N TRP D 174 17.81 -40.64 4.18
CA TRP D 174 19.20 -40.23 4.05
C TRP D 174 19.42 -39.45 2.77
N ASN D 175 20.41 -38.56 2.79
CA ASN D 175 20.73 -37.74 1.64
C ASN D 175 19.47 -37.18 0.96
N ALA D 176 18.60 -36.57 1.77
CA ALA D 176 17.35 -36.00 1.28
C ALA D 176 17.15 -34.58 1.78
N GLU D 177 16.40 -33.79 1.01
CA GLU D 177 16.12 -32.40 1.36
C GLU D 177 14.70 -32.18 1.89
N TYR D 178 14.61 -31.51 3.04
CA TYR D 178 13.32 -31.22 3.67
C TYR D 178 13.13 -29.73 3.90
N GLU D 179 11.92 -29.36 4.27
CA GLU D 179 11.60 -27.98 4.61
C GLU D 179 10.61 -28.01 5.77
N VAL D 180 10.82 -27.15 6.76
CA VAL D 180 9.95 -27.11 7.92
C VAL D 180 9.21 -25.78 7.93
N TYR D 181 7.98 -25.82 8.44
CA TYR D 181 7.19 -24.62 8.58
C TYR D 181 6.74 -24.58 10.03
N VAL D 182 7.02 -23.48 10.72
CA VAL D 182 6.62 -23.36 12.10
C VAL D 182 5.73 -22.14 12.24
N VAL D 183 4.57 -22.35 12.86
CA VAL D 183 3.62 -21.27 13.05
C VAL D 183 3.34 -21.08 14.54
N ALA D 184 3.11 -19.84 14.94
CA ALA D 184 2.79 -19.54 16.33
C ALA D 184 1.32 -19.18 16.36
N GLU D 185 0.61 -19.73 17.34
CA GLU D 185 -0.81 -19.46 17.46
C GLU D 185 -1.16 -18.95 18.86
N ASN D 186 -1.95 -17.88 18.90
CA ASN D 186 -2.42 -17.31 20.17
C ASN D 186 -3.94 -17.30 20.13
N GLN D 187 -4.57 -16.59 21.06
CA GLN D 187 -6.02 -16.54 21.12
C GLN D 187 -6.62 -15.78 19.92
N GLN D 188 -5.82 -14.96 19.27
CA GLN D 188 -6.27 -14.19 18.12
C GLN D 188 -6.25 -14.96 16.80
N GLY D 189 -5.11 -15.59 16.49
CA GLY D 189 -5.00 -16.33 15.25
C GLY D 189 -3.60 -16.89 15.03
N LYS D 190 -3.29 -17.24 13.79
CA LYS D 190 -2.00 -17.80 13.47
C LYS D 190 -1.04 -16.81 12.81
N SER D 191 0.24 -16.98 13.09
CA SER D 191 1.25 -16.10 12.52
C SER D 191 1.59 -16.61 11.12
N LYS D 192 2.41 -15.85 10.40
CA LYS D 192 2.84 -16.29 9.08
C LYS D 192 3.81 -17.41 9.43
N ALA D 193 4.02 -18.34 8.52
CA ALA D 193 4.91 -19.46 8.81
C ALA D 193 6.41 -19.20 8.67
N ALA D 194 7.17 -19.68 9.65
CA ALA D 194 8.62 -19.58 9.62
C ALA D 194 9.05 -20.76 8.75
N HIS D 195 10.00 -20.51 7.85
CA HIS D 195 10.50 -21.50 6.91
C HIS D 195 11.95 -21.87 7.20
N PHE D 196 12.30 -23.13 6.98
CA PHE D 196 13.65 -23.63 7.21
C PHE D 196 13.87 -24.84 6.30
N VAL D 197 14.88 -24.76 5.44
CA VAL D 197 15.20 -25.83 4.50
C VAL D 197 16.54 -26.45 4.86
N PHE D 198 16.60 -27.78 4.90
CA PHE D 198 17.84 -28.47 5.26
C PHE D 198 18.06 -29.78 4.51
N ARG D 199 19.29 -30.28 4.60
CA ARG D 199 19.66 -31.51 3.92
C ARG D 199 20.40 -32.51 4.81
N THR D 200 19.93 -33.74 4.84
CA THR D 200 20.58 -34.76 5.66
C THR D 200 21.87 -35.26 5.04
N ALA D 201 22.72 -35.85 5.87
CA ALA D 201 23.99 -36.37 5.40
C ALA D 201 23.73 -37.61 4.56
N ALA D 202 24.78 -38.36 4.22
CA ALA D 202 24.62 -39.56 3.40
C ALA D 202 24.67 -40.90 4.17
N ALA D 203 25.35 -40.94 5.31
CA ALA D 203 25.41 -42.20 6.04
C ALA D 203 25.60 -42.02 7.55
N HIS D 204 25.37 -43.03 8.28
N ALA E 1 -52.66 23.34 13.64
CA ALA E 1 -53.55 23.61 12.47
C ALA E 1 -53.45 25.08 12.11
N PRO E 2 -53.46 25.97 13.12
CA PRO E 2 -53.37 27.38 12.78
C PRO E 2 -52.05 27.62 12.07
N LEU E 3 -52.12 28.42 11.03
CA LEU E 3 -50.96 28.75 10.22
C LEU E 3 -50.58 30.21 10.45
N ALA E 4 -49.29 30.44 10.67
CA ALA E 4 -48.76 31.78 10.92
C ALA E 4 -47.58 32.05 10.00
N GLN E 5 -47.83 32.80 8.93
CA GLN E 5 -46.77 33.13 8.01
C GLN E 5 -46.61 34.63 7.93
N ALA E 6 -45.67 35.09 7.12
CA ALA E 6 -45.45 36.51 7.03
C ALA E 6 -45.46 37.06 5.63
N ASP E 7 -45.43 38.38 5.61
CA ASP E 7 -45.39 39.17 4.42
C ASP E 7 -44.39 38.54 3.42
N THR E 8 -43.14 38.46 3.87
CA THR E 8 -42.03 37.94 3.11
C THR E 8 -41.94 36.42 3.14
N PRO E 9 -41.07 35.82 2.29
CA PRO E 9 -40.84 34.36 2.20
C PRO E 9 -40.27 33.75 3.47
N SER E 10 -40.39 32.42 3.59
CA SER E 10 -39.82 31.72 4.75
C SER E 10 -38.39 31.38 4.34
N SER E 11 -37.53 31.17 5.32
CA SER E 11 -36.13 30.88 5.00
C SER E 11 -35.99 29.63 4.15
N PRO E 12 -35.00 29.61 3.26
CA PRO E 12 -34.80 28.43 2.41
C PRO E 12 -34.08 27.40 3.30
N SER E 13 -33.96 26.18 2.84
CA SER E 13 -33.24 25.20 3.65
C SER E 13 -32.05 24.65 2.90
N ILE E 14 -30.87 24.79 3.50
CA ILE E 14 -29.67 24.29 2.88
C ILE E 14 -29.63 22.78 3.06
N ASP E 15 -29.80 22.05 1.97
CA ASP E 15 -29.80 20.59 2.05
C ASP E 15 -28.43 19.99 1.77
N GLN E 16 -27.64 20.68 0.94
CA GLN E 16 -26.32 20.19 0.57
C GLN E 16 -25.31 21.32 0.40
N VAL E 17 -24.06 21.03 0.73
CA VAL E 17 -22.95 21.95 0.55
C VAL E 17 -21.75 21.11 0.11
N GLU E 18 -21.45 21.14 -1.19
CA GLU E 18 -20.31 20.39 -1.73
C GLU E 18 -19.15 21.38 -1.83
N PRO E 19 -18.12 21.21 -0.99
CA PRO E 19 -17.00 22.14 -1.07
C PRO E 19 -15.80 21.72 -1.90
N TYR E 20 -15.29 22.67 -2.68
CA TYR E 20 -14.12 22.43 -3.50
C TYR E 20 -12.95 23.24 -2.93
N SER E 21 -11.90 23.48 -3.71
CA SER E 21 -10.74 24.21 -3.19
C SER E 21 -10.97 25.71 -3.06
N SER E 22 -11.74 26.29 -3.99
CA SER E 22 -11.97 27.72 -3.95
C SER E 22 -13.42 28.09 -4.24
N THR E 23 -14.26 27.10 -4.48
CA THR E 23 -15.66 27.32 -4.76
C THR E 23 -16.46 26.36 -3.90
N ALA E 24 -17.78 26.54 -3.88
CA ALA E 24 -18.66 25.67 -3.11
C ALA E 24 -20.05 25.65 -3.77
N GLN E 25 -20.63 24.46 -3.93
CA GLN E 25 -21.95 24.33 -4.53
C GLN E 25 -22.97 24.07 -3.43
N VAL E 26 -24.00 24.90 -3.36
CA VAL E 26 -25.03 24.76 -2.34
C VAL E 26 -26.40 24.31 -2.89
N GLN E 27 -26.98 23.28 -2.28
CA GLN E 27 -28.29 22.77 -2.68
C GLN E 27 -29.35 23.13 -1.63
N PHE E 28 -30.46 23.70 -2.07
CA PHE E 28 -31.52 24.13 -1.15
C PHE E 28 -32.94 24.00 -1.72
N ASP E 29 -33.94 24.07 -0.84
CA ASP E 29 -35.35 23.99 -1.22
C ASP E 29 -36.01 25.36 -1.27
N GLU E 30 -36.83 25.62 -2.29
CA GLU E 30 -37.53 26.89 -2.38
C GLU E 30 -38.36 27.00 -1.11
N PRO E 31 -38.37 28.19 -0.48
CA PRO E 31 -39.12 28.43 0.75
C PRO E 31 -40.50 27.79 0.87
N GLU E 32 -40.77 27.15 2.02
CA GLU E 32 -42.06 26.51 2.30
C GLU E 32 -43.17 27.55 2.14
N ALA E 33 -43.06 28.65 2.89
CA ALA E 33 -44.02 29.74 2.82
C ALA E 33 -43.46 30.79 1.87
N THR E 34 -43.96 30.80 0.64
CA THR E 34 -43.53 31.74 -0.39
C THR E 34 -44.32 33.04 -0.27
N GLY E 35 -45.54 32.93 0.27
CA GLY E 35 -46.40 34.08 0.40
C GLY E 35 -47.30 34.19 -0.80
N GLY E 36 -47.46 33.08 -1.52
CA GLY E 36 -48.29 33.06 -2.71
C GLY E 36 -47.76 34.01 -3.78
N VAL E 37 -46.44 34.14 -3.83
CA VAL E 37 -45.76 35.02 -4.79
C VAL E 37 -44.49 34.30 -5.26
N PRO E 38 -44.02 34.57 -6.49
CA PRO E 38 -42.81 33.94 -7.03
C PRO E 38 -41.50 34.45 -6.42
N ILE E 39 -40.59 33.54 -6.07
CA ILE E 39 -39.31 33.96 -5.53
C ILE E 39 -38.52 34.59 -6.69
N LEU E 40 -37.97 35.79 -6.46
CA LEU E 40 -37.24 36.50 -7.49
C LEU E 40 -35.74 36.22 -7.45
N LYS E 41 -35.16 36.32 -6.25
CA LYS E 41 -33.74 36.11 -6.08
C LYS E 41 -33.45 35.41 -4.76
N TYR E 42 -32.18 35.06 -4.59
CA TYR E 42 -31.70 34.42 -3.37
C TYR E 42 -30.43 35.16 -2.98
N LYS E 43 -30.37 35.62 -1.73
CA LYS E 43 -29.18 36.31 -1.25
C LYS E 43 -28.40 35.28 -0.42
N ALA E 44 -27.13 35.08 -0.78
CA ALA E 44 -26.29 34.14 -0.06
C ALA E 44 -25.23 34.90 0.71
N GLU E 45 -24.97 34.46 1.93
CA GLU E 45 -23.98 35.09 2.78
C GLU E 45 -23.06 34.01 3.30
N TRP E 46 -21.75 34.25 3.23
CA TRP E 46 -20.78 33.28 3.70
C TRP E 46 -19.63 34.03 4.33
N ARG E 47 -18.84 33.33 5.14
CA ARG E 47 -17.71 33.94 5.77
C ARG E 47 -16.76 32.95 6.42
N ALA E 48 -15.50 33.31 6.49
CA ALA E 48 -14.53 32.44 7.12
C ALA E 48 -14.92 32.41 8.59
N VAL E 49 -15.06 31.21 9.15
CA VAL E 49 -15.40 31.08 10.56
C VAL E 49 -14.36 31.95 11.28
N GLY E 50 -14.81 32.79 12.21
CA GLY E 50 -13.86 33.66 12.89
C GLY E 50 -14.08 35.13 12.55
N GLU E 51 -14.41 35.41 11.29
CA GLU E 51 -14.67 36.78 10.86
C GLU E 51 -16.04 37.15 11.41
N GLU E 52 -16.36 38.44 11.48
CA GLU E 52 -17.64 38.89 12.02
C GLU E 52 -18.59 39.37 10.93
N VAL E 53 -18.04 39.78 9.80
CA VAL E 53 -18.87 40.28 8.72
C VAL E 53 -19.10 39.23 7.66
N TRP E 54 -20.29 39.20 7.10
CA TRP E 54 -20.63 38.24 6.07
C TRP E 54 -20.43 38.84 4.70
N HIS E 55 -19.93 38.05 3.76
CA HIS E 55 -19.81 38.50 2.38
C HIS E 55 -21.16 38.08 1.80
N SER E 56 -21.50 38.55 0.61
CA SER E 56 -22.77 38.16 0.04
C SER E 56 -22.77 38.30 -1.47
N LYS E 57 -23.81 37.79 -2.10
CA LYS E 57 -23.95 37.82 -3.54
C LYS E 57 -25.40 37.47 -3.83
N TRP E 58 -26.01 38.10 -4.83
CA TRP E 58 -27.39 37.78 -5.19
C TRP E 58 -27.40 36.74 -6.32
N TYR E 59 -28.42 35.89 -6.30
CA TYR E 59 -28.54 34.84 -7.30
C TYR E 59 -29.94 34.81 -7.89
N ASP E 60 -30.03 34.81 -9.21
CA ASP E 60 -31.32 34.79 -9.88
C ASP E 60 -32.03 33.50 -9.47
N ALA E 61 -33.28 33.62 -9.06
CA ALA E 61 -34.03 32.45 -8.62
C ALA E 61 -34.25 31.47 -9.74
N LYS E 62 -34.62 31.98 -10.91
CA LYS E 62 -34.87 31.10 -12.03
C LYS E 62 -33.62 30.32 -12.45
N GLU E 63 -32.48 30.98 -12.53
CA GLU E 63 -31.28 30.29 -12.94
C GLU E 63 -30.86 29.28 -11.86
N ALA E 64 -31.27 29.51 -10.62
CA ALA E 64 -30.91 28.62 -9.53
C ALA E 64 -31.78 27.38 -9.51
N SER E 65 -33.05 27.53 -9.88
CA SER E 65 -33.96 26.40 -9.91
C SER E 65 -33.63 25.50 -11.09
N MET E 66 -33.09 26.09 -12.16
CA MET E 66 -32.71 25.34 -13.35
C MET E 66 -31.36 24.64 -13.14
N GLU E 67 -30.48 25.26 -12.36
CA GLU E 67 -29.17 24.66 -12.07
C GLU E 67 -29.36 23.66 -10.94
N GLY E 68 -30.12 24.07 -9.93
CA GLY E 68 -30.38 23.23 -8.77
C GLY E 68 -29.61 23.73 -7.56
N ILE E 69 -28.47 24.36 -7.84
CA ILE E 69 -27.58 24.86 -6.81
C ILE E 69 -27.15 26.30 -7.08
N VAL E 70 -26.50 26.90 -6.08
CA VAL E 70 -25.93 28.24 -6.22
C VAL E 70 -24.46 28.03 -5.84
N THR E 71 -23.57 28.62 -6.61
CA THR E 71 -22.16 28.44 -6.33
C THR E 71 -21.54 29.72 -5.75
N ILE E 72 -20.89 29.58 -4.60
CA ILE E 72 -20.22 30.72 -4.00
C ILE E 72 -18.78 30.61 -4.48
N VAL E 73 -18.16 31.74 -4.80
CA VAL E 73 -16.79 31.73 -5.30
C VAL E 73 -15.81 32.57 -4.49
N GLY E 74 -14.55 32.54 -4.92
CA GLY E 74 -13.50 33.31 -4.26
C GLY E 74 -13.13 32.82 -2.87
N LEU E 75 -13.09 31.51 -2.69
CA LEU E 75 -12.74 30.92 -1.40
C LEU E 75 -11.30 30.44 -1.41
N LYS E 76 -10.72 30.30 -0.23
CA LYS E 76 -9.34 29.83 -0.09
C LYS E 76 -9.39 28.33 0.24
N PRO E 77 -8.38 27.56 -0.21
CA PRO E 77 -8.35 26.12 0.07
C PRO E 77 -8.24 25.85 1.58
N GLU E 78 -8.51 24.62 1.99
CA GLU E 78 -8.44 24.21 3.39
C GLU E 78 -8.92 25.22 4.42
N THR E 79 -9.98 25.95 4.10
CA THR E 79 -10.51 26.95 5.02
C THR E 79 -11.95 26.65 5.45
N THR E 80 -12.23 26.87 6.72
CA THR E 80 -13.56 26.65 7.26
C THR E 80 -14.42 27.89 7.10
N TYR E 81 -15.59 27.71 6.47
CA TYR E 81 -16.54 28.78 6.22
C TYR E 81 -17.95 28.44 6.71
N ALA E 82 -18.80 29.46 6.80
CA ALA E 82 -20.19 29.32 7.18
C ALA E 82 -20.94 29.96 6.01
N VAL E 83 -22.15 29.47 5.75
CA VAL E 83 -22.93 30.01 4.68
C VAL E 83 -24.41 29.93 5.04
N ARG E 84 -25.19 30.87 4.54
CA ARG E 84 -26.61 30.87 4.79
C ARG E 84 -27.33 31.52 3.62
N LEU E 85 -28.60 31.17 3.45
CA LEU E 85 -29.39 31.69 2.36
C LEU E 85 -30.67 32.37 2.80
N ALA E 86 -31.12 33.31 1.99
CA ALA E 86 -32.35 34.04 2.21
C ALA E 86 -32.97 34.19 0.82
N ALA E 87 -34.29 34.15 0.76
CA ALA E 87 -35.04 34.28 -0.49
C ALA E 87 -35.76 35.61 -0.56
N LEU E 88 -35.86 36.17 -1.76
CA LEU E 88 -36.53 37.45 -1.95
C LEU E 88 -37.68 37.40 -2.94
N ASN E 89 -38.81 38.00 -2.58
CA ASN E 89 -40.00 38.07 -3.46
C ASN E 89 -40.44 39.54 -3.64
N GLY E 90 -41.61 39.74 -4.23
CA GLY E 90 -42.10 41.10 -4.43
C GLY E 90 -42.29 41.89 -3.14
N LYS E 91 -42.65 41.18 -2.07
CA LYS E 91 -42.88 41.81 -0.77
C LYS E 91 -41.61 42.13 0.01
N GLY E 92 -40.46 41.73 -0.50
CA GLY E 92 -39.22 42.01 0.20
C GLY E 92 -38.37 40.79 0.48
N LEU E 93 -37.30 40.98 1.26
CA LEU E 93 -36.40 39.88 1.57
C LEU E 93 -36.85 39.08 2.79
N GLY E 94 -36.85 37.76 2.65
CA GLY E 94 -37.25 36.91 3.74
C GLY E 94 -36.22 36.68 4.82
N GLU E 95 -36.53 35.74 5.70
CA GLU E 95 -35.68 35.36 6.83
C GLU E 95 -34.47 34.53 6.37
N ILE E 96 -33.31 34.75 6.97
CA ILE E 96 -32.12 33.97 6.61
C ILE E 96 -32.16 32.59 7.26
N SER E 97 -31.72 31.59 6.51
CA SER E 97 -31.70 30.23 7.02
C SER E 97 -30.63 30.10 8.10
N ALA E 98 -30.55 28.92 8.70
CA ALA E 98 -29.53 28.67 9.70
C ALA E 98 -28.23 28.59 8.91
N ALA E 99 -27.10 28.79 9.58
CA ALA E 99 -25.82 28.73 8.90
C ALA E 99 -25.28 27.31 8.78
N SER E 100 -24.76 26.97 7.60
CA SER E 100 -24.17 25.65 7.40
C SER E 100 -22.66 25.87 7.42
N GLU E 101 -21.94 24.98 8.10
CA GLU E 101 -20.49 25.14 8.17
C GLU E 101 -19.77 24.10 7.33
N PHE E 102 -18.73 24.52 6.62
CA PHE E 102 -17.98 23.60 5.77
C PHE E 102 -16.51 23.97 5.66
N LYS E 103 -15.73 23.04 5.13
CA LYS E 103 -14.32 23.28 4.95
C LYS E 103 -13.93 22.93 3.51
N THR E 104 -13.26 23.86 2.85
CA THR E 104 -12.84 23.65 1.49
C THR E 104 -11.70 22.64 1.41
N GLN E 105 -11.48 22.10 0.23
CA GLN E 105 -10.44 21.11 0.00
C GLN E 105 -9.11 21.75 -0.33
N PRO E 106 -8.01 21.00 -0.14
CA PRO E 106 -6.65 21.47 -0.42
C PRO E 106 -6.40 21.35 -1.93
N VAL E 107 -5.65 22.27 -2.54
CA VAL E 107 -5.41 22.12 -3.96
C VAL E 107 -4.43 20.98 -4.17
N ARG E 108 -4.58 20.24 -5.27
CA ARG E 108 -3.70 19.12 -5.58
C ARG E 108 -3.15 19.23 -7.01
N GLU E 109 -2.33 18.27 -7.40
CA GLU E 109 -1.75 18.27 -8.75
C GLU E 109 -2.84 17.86 -9.73
N PRO E 110 -2.82 18.40 -10.95
CA PRO E 110 -3.84 18.06 -11.94
C PRO E 110 -3.80 16.58 -12.30
N SER E 111 -4.87 16.11 -12.93
CA SER E 111 -4.90 14.73 -13.38
C SER E 111 -4.34 14.85 -14.78
N ALA E 112 -3.98 13.73 -15.39
CA ALA E 112 -3.46 13.81 -16.73
C ALA E 112 -4.66 13.98 -17.66
N PRO E 113 -4.44 14.65 -18.79
CA PRO E 113 -5.63 14.77 -19.64
C PRO E 113 -5.77 13.40 -20.29
N LYS E 114 -6.78 13.24 -21.13
CA LYS E 114 -6.92 11.97 -21.82
C LYS E 114 -6.54 12.27 -23.25
N LEU E 115 -5.81 11.36 -23.89
CA LEU E 115 -5.37 11.59 -25.25
C LEU E 115 -6.18 10.80 -26.28
N GLU E 116 -6.58 11.48 -27.34
CA GLU E 116 -7.35 10.89 -28.41
C GLU E 116 -6.61 11.12 -29.72
N GLY E 117 -6.33 10.04 -30.44
CA GLY E 117 -5.62 10.14 -31.71
C GLY E 117 -6.55 10.29 -32.91
N GLN E 118 -6.20 11.21 -33.81
CA GLN E 118 -7.00 11.47 -35.01
C GLN E 118 -6.07 11.63 -36.21
N ARG E 119 -6.61 11.51 -37.42
CA ARG E 119 -5.81 11.68 -38.64
C ARG E 119 -5.45 13.14 -38.89
N GLY E 120 -4.19 13.40 -39.20
CA GLY E 120 -3.76 14.76 -39.50
C GLY E 120 -4.05 15.02 -40.97
N GLU E 121 -3.42 16.04 -41.57
CA GLU E 121 -3.67 16.31 -42.97
C GLU E 121 -2.76 15.49 -43.89
N ASP E 122 -1.75 14.85 -43.29
CA ASP E 122 -0.81 14.03 -44.04
C ASP E 122 -0.52 12.73 -43.30
N GLY E 123 -0.21 11.69 -44.07
CA GLY E 123 0.07 10.40 -43.47
C GLY E 123 1.26 10.45 -42.52
N ASN E 124 2.08 11.49 -42.64
CA ASN E 124 3.24 11.64 -41.78
C ASN E 124 2.96 12.64 -40.67
N SER E 125 1.70 12.68 -40.23
CA SER E 125 1.31 13.60 -39.17
C SER E 125 0.17 13.01 -38.35
N ILE E 126 -0.14 13.67 -37.23
CA ILE E 126 -1.24 13.23 -36.37
C ILE E 126 -1.78 14.39 -35.55
N LYS E 127 -3.08 14.33 -35.27
CA LYS E 127 -3.73 15.36 -34.48
C LYS E 127 -4.15 14.72 -33.17
N VAL E 128 -3.41 15.00 -32.10
CA VAL E 128 -3.73 14.46 -30.79
C VAL E 128 -4.65 15.40 -30.04
N ASN E 129 -5.89 14.95 -29.82
CA ASN E 129 -6.89 15.73 -29.13
C ASN E 129 -6.76 15.59 -27.62
N LEU E 130 -6.92 16.69 -26.88
CA LEU E 130 -6.84 16.66 -25.43
C LEU E 130 -8.23 16.57 -24.84
N ILE E 131 -8.45 15.61 -23.96
CA ILE E 131 -9.74 15.48 -23.30
C ILE E 131 -9.51 15.87 -21.85
N LYS E 132 -9.99 17.06 -21.48
CA LYS E 132 -9.82 17.61 -20.13
C LYS E 132 -10.39 16.79 -18.98
N GLN E 133 -9.65 16.79 -17.87
CA GLN E 133 -10.03 16.10 -16.65
C GLN E 133 -9.68 16.92 -15.41
N ASP E 134 -10.10 16.43 -14.25
CA ASP E 134 -9.87 17.10 -12.96
C ASP E 134 -8.56 17.89 -12.92
N ASP E 135 -8.66 19.20 -12.67
CA ASP E 135 -7.44 20.03 -12.62
C ASP E 135 -6.83 20.18 -11.23
N GLY E 136 -7.23 19.33 -10.28
CA GLY E 136 -6.68 19.40 -8.94
C GLY E 136 -7.20 20.54 -8.08
N GLY E 137 -8.15 21.31 -8.59
CA GLY E 137 -8.70 22.42 -7.82
C GLY E 137 -7.89 23.69 -7.93
N SER E 138 -7.30 23.92 -9.10
CA SER E 138 -6.47 25.09 -9.36
C SER E 138 -6.24 25.12 -10.87
N PRO E 139 -6.38 26.31 -11.47
CA PRO E 139 -6.19 26.48 -12.92
C PRO E 139 -4.92 25.83 -13.45
N ILE E 140 -5.02 25.32 -14.67
CA ILE E 140 -3.90 24.67 -15.33
C ILE E 140 -3.06 25.72 -16.05
N ARG E 141 -1.78 25.81 -15.67
CA ARG E 141 -0.88 26.77 -16.29
C ARG E 141 -0.48 26.33 -17.69
N HIS E 142 0.08 25.14 -17.82
CA HIS E 142 0.53 24.63 -19.13
C HIS E 142 0.34 23.13 -19.34
N TYR E 143 0.41 22.74 -20.61
CA TYR E 143 0.33 21.34 -21.01
C TYR E 143 1.73 21.09 -21.57
N LEU E 144 2.38 20.03 -21.12
CA LEU E 144 3.72 19.74 -21.61
C LEU E 144 3.75 18.52 -22.51
N VAL E 145 4.17 18.70 -23.75
CA VAL E 145 4.24 17.61 -24.70
C VAL E 145 5.68 17.20 -25.01
N ARG E 146 5.92 15.89 -25.03
CA ARG E 146 7.21 15.32 -25.34
C ARG E 146 6.92 14.14 -26.26
N TYR E 147 7.69 14.02 -27.34
CA TYR E 147 7.47 12.92 -28.27
C TYR E 147 8.73 12.54 -29.03
N ARG E 148 8.69 11.38 -29.67
CA ARG E 148 9.81 10.91 -30.45
C ARG E 148 9.45 9.63 -31.16
N ALA E 149 10.33 9.19 -32.05
CA ALA E 149 10.12 7.96 -32.77
C ALA E 149 10.77 6.94 -31.86
N LEU E 150 10.07 5.83 -31.61
CA LEU E 150 10.59 4.79 -30.73
C LEU E 150 11.99 4.45 -31.19
N SER E 151 12.95 4.70 -30.30
CA SER E 151 14.39 4.46 -30.53
C SER E 151 15.15 5.77 -30.42
N SER E 152 15.02 6.62 -31.43
CA SER E 152 15.70 7.90 -31.45
C SER E 152 15.48 8.70 -30.16
N GLU E 153 16.14 9.84 -30.06
CA GLU E 153 16.03 10.68 -28.86
C GLU E 153 14.88 11.67 -28.92
N TRP E 154 14.50 12.16 -27.73
CA TRP E 154 13.40 13.11 -27.57
C TRP E 154 13.50 14.35 -28.41
N LYS E 155 12.35 14.89 -28.79
CA LYS E 155 12.26 16.11 -29.58
C LYS E 155 12.29 17.29 -28.59
N PRO E 156 12.22 18.52 -29.11
CA PRO E 156 12.24 19.70 -28.22
C PRO E 156 10.87 19.81 -27.58
N GLU E 157 10.82 19.85 -26.25
CA GLU E 157 9.55 19.95 -25.54
C GLU E 157 8.66 21.08 -26.02
N ILE E 158 7.36 20.87 -25.92
CA ILE E 158 6.35 21.84 -26.35
C ILE E 158 5.41 22.23 -25.21
N ARG E 159 5.34 23.52 -24.93
CA ARG E 159 4.48 24.03 -23.88
C ARG E 159 3.24 24.63 -24.53
N LEU E 160 2.07 24.06 -24.24
CA LEU E 160 0.79 24.54 -24.79
C LEU E 160 -0.04 25.23 -23.73
N PRO E 161 -0.85 26.22 -24.13
CA PRO E 161 -1.72 26.96 -23.19
C PRO E 161 -2.88 26.11 -22.68
N SER E 162 -3.34 26.44 -21.48
CA SER E 162 -4.44 25.73 -20.83
C SER E 162 -5.67 25.58 -21.72
N GLY E 163 -5.82 26.47 -22.68
CA GLY E 163 -6.97 26.43 -23.56
C GLY E 163 -6.84 25.52 -24.77
N SER E 164 -5.67 24.90 -24.93
CA SER E 164 -5.43 24.00 -26.05
C SER E 164 -6.46 22.88 -26.06
N ASP E 165 -6.86 22.45 -27.25
CA ASP E 165 -7.80 21.36 -27.39
C ASP E 165 -7.16 20.25 -28.20
N HIS E 166 -5.88 20.44 -28.52
CA HIS E 166 -5.11 19.48 -29.28
C HIS E 166 -3.71 19.99 -29.62
N VAL E 167 -2.84 19.05 -29.98
CA VAL E 167 -1.48 19.34 -30.38
C VAL E 167 -1.26 18.60 -31.70
N MET E 168 -0.83 19.33 -32.71
CA MET E 168 -0.61 18.76 -34.03
C MET E 168 0.87 18.40 -34.20
N LEU E 169 1.13 17.19 -34.71
CA LEU E 169 2.51 16.75 -34.93
C LEU E 169 2.66 16.51 -36.44
N LYS E 170 3.33 17.45 -37.10
CA LYS E 170 3.53 17.39 -38.55
C LYS E 170 4.94 16.99 -38.96
N SER E 171 5.09 16.71 -40.25
CA SER E 171 6.36 16.33 -40.84
C SER E 171 7.09 15.29 -40.01
N LEU E 172 6.65 14.05 -40.10
CA LEU E 172 7.28 12.98 -39.35
C LEU E 172 7.73 11.94 -40.36
N ASP E 173 8.75 11.17 -39.99
CA ASP E 173 9.26 10.15 -40.87
C ASP E 173 8.07 9.29 -41.26
N TRP E 174 8.11 8.75 -42.49
CA TRP E 174 7.01 7.91 -42.95
C TRP E 174 7.28 6.48 -42.54
N ASN E 175 6.22 5.68 -42.43
CA ASN E 175 6.35 4.29 -42.06
C ASN E 175 7.17 4.14 -40.77
N ALA E 176 6.92 5.03 -39.81
CA ALA E 176 7.62 5.04 -38.52
C ALA E 176 6.67 4.93 -37.32
N GLU E 177 7.21 4.48 -36.20
CA GLU E 177 6.42 4.34 -34.98
C GLU E 177 6.85 5.43 -33.99
N TYR E 178 5.87 6.16 -33.47
CA TYR E 178 6.12 7.24 -32.53
C TYR E 178 5.37 7.09 -31.20
N GLU E 179 5.69 7.96 -30.25
CA GLU E 179 5.04 7.97 -28.95
C GLU E 179 5.01 9.40 -28.41
N VAL E 180 3.92 9.76 -27.75
CA VAL E 180 3.81 11.09 -27.19
C VAL E 180 3.46 11.00 -25.72
N TYR E 181 3.96 11.97 -24.96
CA TYR E 181 3.69 12.06 -23.54
C TYR E 181 3.15 13.48 -23.30
N VAL E 182 2.00 13.59 -22.68
CA VAL E 182 1.43 14.90 -22.40
C VAL E 182 1.24 15.02 -20.90
N VAL E 183 1.72 16.12 -20.34
CA VAL E 183 1.60 16.34 -18.91
C VAL E 183 0.88 17.65 -18.64
N ALA E 184 -0.05 17.61 -17.69
CA ALA E 184 -0.79 18.80 -17.29
C ALA E 184 -0.07 19.37 -16.07
N GLU E 185 -0.03 20.69 -15.97
CA GLU E 185 0.65 21.34 -14.87
C GLU E 185 -0.10 22.54 -14.30
N ASN E 186 -0.06 22.71 -12.98
CA ASN E 186 -0.73 23.84 -12.35
C ASN E 186 0.15 24.45 -11.25
N GLN E 187 -0.32 25.54 -10.66
CA GLN E 187 0.43 26.22 -9.59
C GLN E 187 0.91 25.29 -8.49
N GLN E 188 0.31 24.10 -8.41
CA GLN E 188 0.64 23.13 -7.36
C GLN E 188 1.56 21.99 -7.81
N GLY E 189 1.73 21.82 -9.12
CA GLY E 189 2.59 20.75 -9.59
C GLY E 189 2.24 20.22 -10.97
N LYS E 190 2.72 19.02 -11.28
CA LYS E 190 2.45 18.39 -12.58
C LYS E 190 1.82 17.02 -12.46
N SER E 191 1.09 16.61 -13.50
CA SER E 191 0.42 15.31 -13.49
C SER E 191 1.31 14.18 -14.01
N LYS E 192 0.85 12.96 -13.81
CA LYS E 192 1.54 11.78 -14.33
C LYS E 192 1.38 12.00 -15.83
N ALA E 193 2.21 11.38 -16.65
CA ALA E 193 2.09 11.60 -18.08
C ALA E 193 1.13 10.67 -18.78
N ALA E 194 0.32 11.22 -19.69
CA ALA E 194 -0.60 10.42 -20.48
C ALA E 194 0.28 9.98 -21.67
N HIS E 195 0.14 8.74 -22.11
CA HIS E 195 0.96 8.20 -23.18
C HIS E 195 0.15 7.82 -24.41
N PHE E 196 0.71 8.03 -25.59
CA PHE E 196 0.02 7.70 -26.84
C PHE E 196 1.03 7.20 -27.88
N VAL E 197 0.79 6.01 -28.42
CA VAL E 197 1.70 5.43 -29.40
C VAL E 197 1.03 5.22 -30.76
N PHE E 198 1.67 5.74 -31.81
CA PHE E 198 1.10 5.62 -33.14
C PHE E 198 2.18 5.38 -34.22
N ARG E 199 1.72 4.93 -35.38
CA ARG E 199 2.61 4.66 -36.50
C ARG E 199 2.13 5.40 -37.74
N THR E 200 3.06 6.08 -38.43
CA THR E 200 2.72 6.84 -39.62
C THR E 200 2.58 5.96 -40.85
N ALA E 201 1.79 6.42 -41.81
CA ALA E 201 1.54 5.69 -43.05
C ALA E 201 2.79 5.50 -43.90
N ALA E 202 2.68 4.65 -44.93
CA ALA E 202 3.78 4.36 -45.82
C ALA E 202 4.12 5.51 -46.77
N ALA E 203 3.22 5.93 -47.53
N ALA F 6 -22.50 47.67 -36.36
CA ALA F 6 -22.25 47.00 -35.04
C ALA F 6 -22.77 45.57 -35.04
N ASP F 7 -21.92 44.65 -35.48
CA ASP F 7 -22.28 43.23 -35.53
C ASP F 7 -22.43 42.63 -34.13
N THR F 8 -22.72 41.34 -34.08
CA THR F 8 -22.89 40.62 -32.82
C THR F 8 -21.57 40.36 -32.13
N PRO F 9 -21.59 40.03 -30.83
CA PRO F 9 -20.37 39.75 -30.07
C PRO F 9 -19.58 38.62 -30.70
N SER F 10 -18.26 38.66 -30.55
CA SER F 10 -17.39 37.62 -31.10
C SER F 10 -17.51 36.35 -30.26
N SER F 11 -16.77 35.31 -30.63
CA SER F 11 -16.84 34.07 -29.88
C SER F 11 -16.04 34.14 -28.58
N PRO F 12 -16.65 33.73 -27.46
CA PRO F 12 -15.95 33.77 -26.18
C PRO F 12 -14.86 32.72 -26.25
N SER F 13 -13.93 32.75 -25.30
CA SER F 13 -12.84 31.78 -25.33
C SER F 13 -12.68 31.02 -24.01
N ILE F 14 -13.02 29.74 -24.04
CA ILE F 14 -12.92 28.89 -22.86
C ILE F 14 -11.45 28.62 -22.53
N ASP F 15 -11.02 28.96 -21.31
CA ASP F 15 -9.64 28.73 -20.93
C ASP F 15 -9.53 27.54 -20.00
N GLN F 16 -10.64 27.24 -19.32
CA GLN F 16 -10.65 26.15 -18.36
C GLN F 16 -12.00 25.48 -18.27
N VAL F 17 -11.98 24.21 -17.90
CA VAL F 17 -13.19 23.43 -17.69
C VAL F 17 -12.82 22.42 -16.64
N GLU F 18 -13.33 22.63 -15.43
CA GLU F 18 -13.06 21.73 -14.33
C GLU F 18 -14.30 20.85 -14.18
N PRO F 19 -14.19 19.56 -14.53
CA PRO F 19 -15.32 18.64 -14.42
C PRO F 19 -15.42 17.94 -13.09
N TYR F 20 -16.66 17.72 -12.67
CA TYR F 20 -16.93 17.01 -11.43
C TYR F 20 -17.80 15.82 -11.84
N SER F 21 -18.51 15.24 -10.90
CA SER F 21 -19.35 14.10 -11.21
C SER F 21 -20.57 14.43 -12.07
N SER F 22 -21.32 15.48 -11.68
CA SER F 22 -22.51 15.84 -12.42
C SER F 22 -22.59 17.29 -12.89
N THR F 23 -21.56 18.07 -12.59
CA THR F 23 -21.50 19.47 -12.98
C THR F 23 -20.08 19.79 -13.42
N ALA F 24 -19.92 20.85 -14.20
CA ALA F 24 -18.60 21.26 -14.64
C ALA F 24 -18.54 22.78 -14.59
N GLN F 25 -17.39 23.33 -14.21
CA GLN F 25 -17.24 24.77 -14.13
C GLN F 25 -16.40 25.27 -15.29
N VAL F 26 -17.00 26.04 -16.18
CA VAL F 26 -16.29 26.56 -17.35
C VAL F 26 -15.77 27.98 -17.14
N GLN F 27 -14.48 28.17 -17.40
CA GLN F 27 -13.81 29.46 -17.26
C GLN F 27 -13.44 29.95 -18.66
N PHE F 28 -14.04 31.07 -19.06
CA PHE F 28 -13.79 31.61 -20.39
C PHE F 28 -13.42 33.09 -20.41
N ASP F 29 -13.29 33.62 -21.63
CA ASP F 29 -12.95 35.02 -21.84
C ASP F 29 -14.06 35.72 -22.59
N GLU F 30 -14.56 36.80 -22.00
CA GLU F 30 -15.62 37.59 -22.62
C GLU F 30 -15.28 37.84 -24.09
N PRO F 31 -16.30 37.92 -24.96
CA PRO F 31 -16.04 38.16 -26.38
C PRO F 31 -15.14 39.38 -26.58
N GLU F 32 -13.97 39.14 -27.18
CA GLU F 32 -13.00 40.21 -27.44
C GLU F 32 -13.73 41.50 -27.86
N ALA F 33 -14.58 41.39 -28.87
CA ALA F 33 -15.34 42.53 -29.37
C ALA F 33 -16.84 42.22 -29.26
N THR F 34 -17.63 43.20 -28.83
CA THR F 34 -19.07 42.99 -28.69
C THR F 34 -19.81 43.74 -29.79
N GLY F 35 -19.15 44.78 -30.32
CA GLY F 35 -19.74 45.59 -31.38
C GLY F 35 -20.60 46.71 -30.82
N GLY F 36 -20.35 47.09 -29.57
CA GLY F 36 -21.13 48.14 -28.94
C GLY F 36 -22.02 47.63 -27.83
N VAL F 37 -23.32 47.50 -28.13
CA VAL F 37 -24.29 47.01 -27.17
C VAL F 37 -23.72 45.93 -26.23
N PRO F 38 -23.90 46.11 -24.91
CA PRO F 38 -23.42 45.19 -23.87
C PRO F 38 -23.95 43.76 -24.00
N ILE F 39 -23.14 42.81 -23.56
CA ILE F 39 -23.51 41.40 -23.61
C ILE F 39 -24.52 41.12 -22.51
N LEU F 40 -25.77 40.83 -22.89
CA LEU F 40 -26.84 40.58 -21.93
C LEU F 40 -26.76 39.19 -21.29
N LYS F 41 -26.86 38.17 -22.13
CA LYS F 41 -26.82 36.79 -21.67
C LYS F 41 -25.80 35.97 -22.47
N TYR F 42 -25.37 34.87 -21.86
CA TYR F 42 -24.42 33.95 -22.50
C TYR F 42 -25.16 32.65 -22.77
N LYS F 43 -24.87 32.03 -23.92
CA LYS F 43 -25.49 30.77 -24.28
C LYS F 43 -24.48 29.64 -24.14
N ALA F 44 -24.84 28.60 -23.38
CA ALA F 44 -23.96 27.46 -23.19
C ALA F 44 -24.54 26.18 -23.81
N GLU F 45 -23.76 25.54 -24.68
CA GLU F 45 -24.17 24.30 -25.31
C GLU F 45 -23.23 23.15 -24.97
N TRP F 46 -23.82 22.04 -24.57
CA TRP F 46 -23.01 20.88 -24.22
C TRP F 46 -23.76 19.61 -24.52
N ARG F 47 -23.01 18.54 -24.77
CA ARG F 47 -23.63 17.26 -25.04
C ARG F 47 -22.63 16.13 -24.91
N ALA F 48 -23.11 15.01 -24.39
CA ALA F 48 -22.26 13.84 -24.25
C ALA F 48 -21.74 13.62 -25.67
N VAL F 49 -20.42 13.53 -25.79
CA VAL F 49 -19.79 13.31 -27.09
C VAL F 49 -20.51 12.14 -27.77
N GLY F 50 -20.83 12.27 -29.04
CA GLY F 50 -21.52 11.19 -29.72
C GLY F 50 -22.94 11.59 -30.08
N GLU F 51 -23.68 12.08 -29.09
CA GLU F 51 -25.05 12.53 -29.30
C GLU F 51 -25.10 13.53 -30.45
N GLU F 52 -26.29 13.75 -31.00
CA GLU F 52 -26.46 14.69 -32.12
C GLU F 52 -26.98 16.04 -31.63
N VAL F 53 -27.95 15.99 -30.73
CA VAL F 53 -28.57 17.19 -30.17
C VAL F 53 -27.79 17.86 -29.05
N TRP F 54 -27.60 19.17 -29.16
CA TRP F 54 -26.89 19.92 -28.11
C TRP F 54 -27.90 20.37 -27.06
N HIS F 55 -27.51 20.34 -25.80
CA HIS F 55 -28.38 20.80 -24.74
C HIS F 55 -28.17 22.30 -24.69
N SER F 56 -29.15 23.04 -24.18
CA SER F 56 -29.04 24.50 -24.10
C SER F 56 -29.38 25.06 -22.71
N LYS F 57 -28.73 26.17 -22.38
CA LYS F 57 -28.93 26.86 -21.11
C LYS F 57 -28.35 28.27 -21.19
N TRP F 58 -29.13 29.25 -20.75
CA TRP F 58 -28.69 30.64 -20.78
C TRP F 58 -28.09 31.06 -19.44
N TYR F 59 -27.10 31.95 -19.50
CA TYR F 59 -26.42 32.47 -18.32
C TYR F 59 -26.29 33.99 -18.45
N ASP F 60 -26.66 34.71 -17.40
CA ASP F 60 -26.57 36.17 -17.42
C ASP F 60 -25.12 36.63 -17.36
N ALA F 61 -24.64 37.28 -18.41
CA ALA F 61 -23.27 37.77 -18.50
C ALA F 61 -22.82 38.52 -17.25
N LYS F 62 -23.74 39.28 -16.67
CA LYS F 62 -23.43 40.04 -15.47
C LYS F 62 -22.90 39.08 -14.39
N GLU F 63 -23.80 38.28 -13.85
CA GLU F 63 -23.47 37.31 -12.80
C GLU F 63 -22.37 36.34 -13.26
N ALA F 64 -22.27 36.12 -14.56
CA ALA F 64 -21.26 35.21 -15.09
C ALA F 64 -19.88 35.80 -14.93
N SER F 65 -19.77 37.12 -15.02
CA SER F 65 -18.48 37.78 -14.89
C SER F 65 -18.11 37.93 -13.41
N MET F 66 -19.11 38.13 -12.56
CA MET F 66 -18.86 38.23 -11.12
C MET F 66 -18.28 36.89 -10.72
N GLU F 67 -19.00 35.82 -11.07
CA GLU F 67 -18.59 34.45 -10.78
C GLU F 67 -17.21 34.14 -11.36
N GLY F 68 -17.03 34.45 -12.64
CA GLY F 68 -15.78 34.16 -13.32
C GLY F 68 -15.95 32.89 -14.15
N ILE F 69 -16.90 32.07 -13.74
CA ILE F 69 -17.19 30.81 -14.42
C ILE F 69 -18.70 30.64 -14.63
N VAL F 70 -19.06 29.61 -15.39
CA VAL F 70 -20.46 29.27 -15.61
C VAL F 70 -20.49 27.80 -15.29
N THR F 71 -21.62 27.32 -14.78
CA THR F 71 -21.70 25.92 -14.41
C THR F 71 -22.82 25.18 -15.10
N ILE F 72 -22.45 24.18 -15.90
CA ILE F 72 -23.42 23.35 -16.60
C ILE F 72 -23.75 22.27 -15.59
N VAL F 73 -25.02 21.90 -15.49
CA VAL F 73 -25.42 20.88 -14.51
C VAL F 73 -26.16 19.71 -15.12
N GLY F 74 -26.45 18.72 -14.27
CA GLY F 74 -27.17 17.54 -14.72
C GLY F 74 -26.35 16.57 -15.57
N LEU F 75 -25.03 16.60 -15.44
CA LEU F 75 -24.18 15.70 -16.22
C LEU F 75 -24.13 14.34 -15.54
N LYS F 76 -23.56 13.36 -16.25
CA LYS F 76 -23.42 12.02 -15.70
C LYS F 76 -21.95 11.71 -15.41
N PRO F 77 -21.69 10.96 -14.34
CA PRO F 77 -20.33 10.59 -13.94
C PRO F 77 -19.59 9.79 -15.00
N GLU F 78 -18.28 9.99 -15.07
CA GLU F 78 -17.48 9.24 -16.00
C GLU F 78 -17.97 9.28 -17.44
N THR F 79 -18.41 10.46 -17.87
CA THR F 79 -18.90 10.60 -19.24
C THR F 79 -18.08 11.71 -19.90
N THR F 80 -17.87 11.59 -21.21
CA THR F 80 -17.11 12.56 -21.97
C THR F 80 -18.05 13.53 -22.68
N TYR F 81 -17.89 14.82 -22.42
CA TYR F 81 -18.73 15.86 -23.00
C TYR F 81 -17.96 16.89 -23.83
N ALA F 82 -18.71 17.67 -24.60
CA ALA F 82 -18.16 18.74 -25.43
C ALA F 82 -18.92 20.00 -25.06
N VAL F 83 -18.21 21.10 -24.84
CA VAL F 83 -18.87 22.35 -24.48
C VAL F 83 -18.35 23.55 -25.27
N ARG F 84 -19.29 24.42 -25.65
CA ARG F 84 -18.96 25.62 -26.39
C ARG F 84 -19.85 26.78 -25.94
N LEU F 85 -19.32 28.01 -26.03
CA LEU F 85 -20.05 29.19 -25.61
C LEU F 85 -20.29 30.23 -26.71
N ALA F 86 -21.36 30.99 -26.55
CA ALA F 86 -21.73 32.05 -27.49
C ALA F 86 -22.25 33.25 -26.71
N ALA F 87 -21.93 34.45 -27.18
CA ALA F 87 -22.36 35.68 -26.53
C ALA F 87 -23.48 36.40 -27.26
N LEU F 88 -24.49 36.84 -26.51
CA LEU F 88 -25.64 37.55 -27.06
C LEU F 88 -25.64 39.03 -26.67
N ASN F 89 -26.18 39.89 -27.55
CA ASN F 89 -26.26 41.31 -27.27
C ASN F 89 -27.49 41.92 -27.90
N GLY F 90 -27.51 43.24 -28.01
CA GLY F 90 -28.64 43.93 -28.60
C GLY F 90 -28.98 43.36 -29.98
N LYS F 91 -27.95 43.19 -30.81
CA LYS F 91 -28.11 42.66 -32.16
C LYS F 91 -28.77 41.27 -32.10
N GLY F 92 -27.94 40.23 -32.08
CA GLY F 92 -28.44 38.87 -32.02
C GLY F 92 -27.40 37.96 -31.38
N LEU F 93 -27.60 36.65 -31.48
CA LEU F 93 -26.65 35.69 -30.90
C LEU F 93 -25.38 35.70 -31.74
N GLY F 94 -24.26 35.98 -31.08
CA GLY F 94 -22.97 36.04 -31.76
C GLY F 94 -22.38 34.71 -32.19
N GLU F 95 -21.09 34.75 -32.50
CA GLU F 95 -20.37 33.57 -32.94
C GLU F 95 -20.16 32.61 -31.78
N ILE F 96 -20.13 31.31 -32.08
CA ILE F 96 -19.92 30.29 -31.04
C ILE F 96 -18.44 29.92 -30.96
N SER F 97 -17.98 29.65 -29.74
CA SER F 97 -16.60 29.29 -29.50
C SER F 97 -16.31 27.87 -29.94
N ALA F 98 -15.04 27.54 -30.05
CA ALA F 98 -14.63 26.19 -30.42
C ALA F 98 -15.12 25.28 -29.29
N ALA F 99 -15.28 24.00 -29.58
CA ALA F 99 -15.73 23.07 -28.56
C ALA F 99 -14.57 22.65 -27.68
N SER F 100 -14.84 22.56 -26.39
CA SER F 100 -13.85 22.16 -25.40
C SER F 100 -14.31 20.80 -24.89
N GLU F 101 -13.42 19.80 -24.90
CA GLU F 101 -13.82 18.47 -24.43
C GLU F 101 -13.33 18.10 -23.06
N PHE F 102 -14.18 17.40 -22.32
CA PHE F 102 -13.83 16.98 -20.97
C PHE F 102 -14.53 15.71 -20.55
N LYS F 103 -14.09 15.15 -19.44
CA LYS F 103 -14.69 13.92 -18.93
C LYS F 103 -14.99 14.10 -17.44
N THR F 104 -16.27 13.99 -17.10
CA THR F 104 -16.65 14.13 -15.70
C THR F 104 -15.97 13.09 -14.84
N GLN F 105 -15.98 13.32 -13.53
CA GLN F 105 -15.36 12.40 -12.59
C GLN F 105 -16.33 11.31 -12.18
N PRO F 106 -15.84 10.31 -11.43
CA PRO F 106 -16.69 9.21 -10.97
C PRO F 106 -17.23 9.63 -9.59
N VAL F 107 -18.20 8.88 -9.05
CA VAL F 107 -18.73 9.19 -7.74
C VAL F 107 -18.01 8.33 -6.71
N ARG F 108 -17.76 8.90 -5.54
CA ARG F 108 -17.06 8.18 -4.49
C ARG F 108 -17.87 8.28 -3.20
N GLU F 109 -17.38 7.64 -2.15
CA GLU F 109 -18.07 7.70 -0.87
C GLU F 109 -17.79 9.06 -0.27
N PRO F 110 -18.67 9.53 0.62
CA PRO F 110 -18.44 10.84 1.22
C PRO F 110 -17.23 10.83 2.16
N SER F 111 -16.74 12.01 2.50
CA SER F 111 -15.66 12.12 3.45
C SER F 111 -16.40 12.25 4.78
N ALA F 112 -15.72 11.93 5.88
CA ALA F 112 -16.37 12.05 7.17
C ALA F 112 -16.45 13.53 7.50
N PRO F 113 -17.50 13.96 8.19
CA PRO F 113 -17.52 15.39 8.49
C PRO F 113 -16.65 15.64 9.71
N LYS F 114 -16.24 16.89 9.94
CA LYS F 114 -15.43 17.17 11.11
C LYS F 114 -16.42 17.44 12.22
N LEU F 115 -16.08 17.03 13.44
CA LEU F 115 -16.97 17.23 14.58
C LEU F 115 -16.40 18.26 15.53
N GLU F 116 -17.23 19.21 15.90
CA GLU F 116 -16.83 20.27 16.81
C GLU F 116 -17.73 20.22 18.04
N GLY F 117 -17.14 20.16 19.22
CA GLY F 117 -17.93 20.09 20.42
C GLY F 117 -18.29 21.45 20.98
N GLN F 118 -19.45 21.56 21.59
CA GLN F 118 -19.90 22.82 22.18
C GLN F 118 -20.88 22.55 23.30
N ARG F 119 -20.71 23.30 24.39
CA ARG F 119 -21.57 23.18 25.56
C ARG F 119 -23.07 23.06 25.30
N GLY F 120 -23.69 22.17 26.05
CA GLY F 120 -25.13 21.99 25.95
C GLY F 120 -25.63 23.05 26.91
N GLU F 121 -26.91 23.08 27.21
CA GLU F 121 -27.40 24.09 28.13
C GLU F 121 -27.21 23.63 29.56
N ASP F 122 -26.91 22.35 29.75
CA ASP F 122 -26.70 21.79 31.08
C ASP F 122 -25.39 21.02 31.12
N GLY F 123 -24.74 21.02 32.28
CA GLY F 123 -23.48 20.30 32.42
C GLY F 123 -23.52 18.86 31.95
N ASN F 124 -24.71 18.28 31.81
CA ASN F 124 -24.82 16.90 31.38
C ASN F 124 -25.36 16.71 29.96
N SER F 125 -24.97 17.61 29.08
CA SER F 125 -25.40 17.56 27.69
C SER F 125 -24.27 18.09 26.86
N ILE F 126 -24.35 17.86 25.54
CA ILE F 126 -23.33 18.35 24.64
C ILE F 126 -23.95 18.67 23.29
N LYS F 127 -23.39 19.67 22.62
CA LYS F 127 -23.85 20.05 21.30
C LYS F 127 -22.70 19.71 20.39
N VAL F 128 -22.98 18.99 19.32
CA VAL F 128 -21.94 18.60 18.37
C VAL F 128 -22.26 19.19 17.01
N ASN F 129 -21.46 20.18 16.62
CA ASN F 129 -21.61 20.87 15.35
C ASN F 129 -20.91 20.15 14.23
N LEU F 130 -21.58 20.04 13.08
CA LEU F 130 -21.03 19.37 11.92
C LEU F 130 -20.42 20.34 10.91
N ILE F 131 -19.17 20.13 10.56
CA ILE F 131 -18.50 20.97 9.58
C ILE F 131 -18.49 20.07 8.33
N LYS F 132 -19.42 20.31 7.42
CA LYS F 132 -19.53 19.51 6.21
C LYS F 132 -18.26 19.42 5.36
N GLN F 133 -18.12 18.29 4.69
CA GLN F 133 -16.97 18.05 3.84
C GLN F 133 -17.41 17.35 2.55
N ASP F 134 -16.44 17.14 1.66
CA ASP F 134 -16.69 16.51 0.37
C ASP F 134 -17.59 15.29 0.50
N ASP F 135 -18.71 15.29 -0.23
CA ASP F 135 -19.66 14.18 -0.20
C ASP F 135 -19.37 13.16 -1.30
N GLY F 136 -18.17 13.25 -1.88
CA GLY F 136 -17.77 12.33 -2.92
C GLY F 136 -18.40 12.56 -4.27
N GLY F 137 -18.94 13.76 -4.48
CA GLY F 137 -19.55 14.07 -5.76
C GLY F 137 -20.96 13.54 -5.94
N SER F 138 -21.64 13.25 -4.85
CA SER F 138 -23.02 12.74 -4.89
C SER F 138 -23.73 13.23 -3.64
N PRO F 139 -24.99 13.65 -3.78
CA PRO F 139 -25.72 14.13 -2.60
C PRO F 139 -25.66 13.19 -1.41
N ILE F 140 -25.56 13.78 -0.22
CA ILE F 140 -25.55 12.99 0.98
C ILE F 140 -27.01 12.67 1.28
N ARG F 141 -27.26 11.40 1.58
CA ARG F 141 -28.61 10.92 1.88
C ARG F 141 -28.91 10.96 3.37
N HIS F 142 -27.89 10.70 4.19
CA HIS F 142 -28.05 10.67 5.64
C HIS F 142 -26.75 10.83 6.41
N TYR F 143 -26.87 11.32 7.65
CA TYR F 143 -25.73 11.40 8.54
C TYR F 143 -26.16 10.33 9.56
N LEU F 144 -25.29 9.34 9.79
CA LEU F 144 -25.59 8.27 10.74
C LEU F 144 -24.88 8.63 12.04
N VAL F 145 -25.64 8.75 13.13
CA VAL F 145 -25.07 9.13 14.42
C VAL F 145 -25.27 8.10 15.51
N ARG F 146 -24.24 7.91 16.33
CA ARG F 146 -24.31 6.99 17.45
C ARG F 146 -23.44 7.53 18.56
N TYR F 147 -23.81 7.24 19.80
CA TYR F 147 -23.00 7.69 20.92
C TYR F 147 -22.94 6.55 21.93
N ARG F 148 -21.97 6.59 22.83
CA ARG F 148 -21.82 5.53 23.80
C ARG F 148 -21.03 6.01 24.99
N ALA F 149 -21.25 5.37 26.13
CA ALA F 149 -20.52 5.71 27.34
C ALA F 149 -19.31 4.79 27.30
N LEU F 150 -18.14 5.33 27.57
CA LEU F 150 -16.93 4.51 27.57
C LEU F 150 -17.20 3.27 28.43
N SER F 151 -16.57 2.15 28.05
CA SER F 151 -16.71 0.84 28.70
C SER F 151 -17.99 0.15 28.24
N SER F 152 -18.68 0.77 27.28
CA SER F 152 -19.92 0.20 26.76
C SER F 152 -19.97 0.26 25.24
N GLU F 153 -20.85 -0.55 24.67
CA GLU F 153 -21.01 -0.61 23.22
C GLU F 153 -21.93 0.52 22.76
N TRP F 154 -22.03 0.71 21.46
CA TRP F 154 -22.87 1.78 20.89
C TRP F 154 -24.35 1.67 21.25
N LYS F 155 -25.01 2.82 21.37
CA LYS F 155 -26.44 2.85 21.65
C LYS F 155 -27.13 2.87 20.28
N PRO F 156 -28.47 2.75 20.26
CA PRO F 156 -29.22 2.75 18.99
C PRO F 156 -28.93 3.92 18.04
N GLU F 157 -28.45 3.56 16.86
CA GLU F 157 -28.10 4.52 15.81
C GLU F 157 -29.22 5.51 15.45
N ILE F 158 -28.83 6.76 15.24
CA ILE F 158 -29.74 7.84 14.89
C ILE F 158 -29.54 8.27 13.44
N ARG F 159 -30.60 8.30 12.65
CA ARG F 159 -30.51 8.75 11.26
C ARG F 159 -30.98 10.22 11.17
N LEU F 160 -30.20 11.06 10.51
CA LEU F 160 -30.55 12.46 10.36
C LEU F 160 -30.49 12.88 8.91
N PRO F 161 -31.21 13.95 8.53
CA PRO F 161 -31.24 14.45 7.16
C PRO F 161 -29.92 15.09 6.74
N SER F 162 -29.70 15.22 5.44
CA SER F 162 -28.47 15.83 4.96
C SER F 162 -28.35 17.28 5.39
N GLY F 163 -29.48 17.88 5.73
CA GLY F 163 -29.49 19.27 6.12
C GLY F 163 -29.10 19.53 7.56
N SER F 164 -28.87 18.45 8.29
CA SER F 164 -28.49 18.55 9.68
C SER F 164 -27.22 19.36 9.86
N ASP F 165 -27.19 20.20 10.90
CA ASP F 165 -26.02 21.02 11.19
C ASP F 165 -25.50 20.69 12.58
N HIS F 166 -26.37 20.14 13.41
CA HIS F 166 -26.00 19.78 14.77
C HIS F 166 -26.63 18.47 15.24
N VAL F 167 -26.11 17.97 16.34
CA VAL F 167 -26.64 16.79 16.97
C VAL F 167 -26.56 17.13 18.46
N MET F 168 -27.71 17.16 19.11
CA MET F 168 -27.81 17.50 20.52
C MET F 168 -28.07 16.28 21.40
N LEU F 169 -27.20 16.06 22.38
CA LEU F 169 -27.38 14.93 23.29
C LEU F 169 -27.69 15.42 24.71
N LYS F 170 -28.90 15.12 25.18
CA LYS F 170 -29.35 15.53 26.52
C LYS F 170 -29.55 14.38 27.50
N SER F 171 -29.69 14.73 28.78
CA SER F 171 -29.93 13.75 29.83
C SER F 171 -28.88 12.67 29.91
N LEU F 172 -27.62 13.08 29.85
CA LEU F 172 -26.51 12.13 29.94
C LEU F 172 -26.26 11.94 31.43
N ASP F 173 -25.33 11.07 31.78
CA ASP F 173 -24.98 10.85 33.17
C ASP F 173 -23.99 11.93 33.57
N TRP F 174 -23.95 12.26 34.85
CA TRP F 174 -23.03 13.27 35.34
C TRP F 174 -21.70 12.60 35.57
N ASN F 175 -20.63 13.39 35.55
CA ASN F 175 -19.29 12.88 35.82
C ASN F 175 -18.99 11.62 35.00
N ALA F 176 -19.39 11.61 33.73
CA ALA F 176 -19.19 10.44 32.87
C ALA F 176 -18.49 10.75 31.54
N GLU F 177 -17.80 9.75 30.99
CA GLU F 177 -17.09 9.91 29.73
C GLU F 177 -17.85 9.23 28.59
N TYR F 178 -18.03 9.95 27.49
CA TYR F 178 -18.75 9.41 26.35
C TYR F 178 -17.97 9.57 25.07
N GLU F 179 -18.51 9.00 24.00
CA GLU F 179 -17.93 9.11 22.67
C GLU F 179 -19.03 9.16 21.61
N VAL F 180 -18.99 10.17 20.74
CA VAL F 180 -19.96 10.33 19.67
C VAL F 180 -19.37 9.75 18.38
N TYR F 181 -20.26 9.32 17.49
CA TYR F 181 -19.88 8.70 16.23
C TYR F 181 -20.75 9.29 15.12
N VAL F 182 -20.12 9.79 14.06
CA VAL F 182 -20.89 10.35 12.94
C VAL F 182 -20.38 9.86 11.58
N VAL F 183 -21.31 9.34 10.78
CA VAL F 183 -20.99 8.85 9.45
C VAL F 183 -21.79 9.57 8.39
N ALA F 184 -21.16 9.85 7.25
CA ALA F 184 -21.84 10.52 6.14
C ALA F 184 -22.15 9.44 5.12
N GLU F 185 -23.38 9.43 4.64
CA GLU F 185 -23.80 8.41 3.69
C GLU F 185 -24.49 8.94 2.45
N ASN F 186 -24.03 8.48 1.29
CA ASN F 186 -24.60 8.85 -0.01
C ASN F 186 -24.88 7.55 -0.78
N GLN F 187 -25.32 7.64 -2.02
CA GLN F 187 -25.62 6.43 -2.77
C GLN F 187 -24.41 5.51 -2.97
N GLN F 188 -23.22 6.10 -2.90
CA GLN F 188 -21.99 5.35 -3.08
C GLN F 188 -21.66 4.54 -1.83
N GLY F 189 -22.09 5.03 -0.67
CA GLY F 189 -21.81 4.33 0.58
C GLY F 189 -21.54 5.25 1.76
N LYS F 190 -20.94 4.70 2.81
CA LYS F 190 -20.63 5.44 4.01
C LYS F 190 -19.16 5.85 4.05
N SER F 191 -18.90 6.99 4.68
CA SER F 191 -17.55 7.51 4.86
C SER F 191 -16.98 6.79 6.07
N LYS F 192 -15.75 7.10 6.45
CA LYS F 192 -15.23 6.47 7.65
C LYS F 192 -15.89 7.28 8.76
N ALA F 193 -15.99 6.72 9.95
CA ALA F 193 -16.64 7.44 11.05
C ALA F 193 -15.76 8.50 11.69
N ALA F 194 -16.38 9.63 12.04
CA ALA F 194 -15.68 10.70 12.73
C ALA F 194 -16.01 10.47 14.20
N HIS F 195 -15.02 10.63 15.07
CA HIS F 195 -15.25 10.42 16.50
C HIS F 195 -15.04 11.69 17.31
N PHE F 196 -15.63 11.69 18.50
CA PHE F 196 -15.53 12.82 19.41
C PHE F 196 -15.73 12.24 20.81
N VAL F 197 -14.75 12.45 21.69
CA VAL F 197 -14.85 11.95 23.06
C VAL F 197 -15.00 13.12 24.00
N PHE F 198 -15.93 13.02 24.94
CA PHE F 198 -16.14 14.11 25.88
C PHE F 198 -16.54 13.58 27.26
N ARG F 199 -16.57 14.50 28.23
CA ARG F 199 -16.93 14.15 29.60
C ARG F 199 -17.86 15.19 30.22
N THR F 200 -18.98 14.73 30.79
CA THR F 200 -19.94 15.62 31.43
C THR F 200 -19.38 16.20 32.72
N ALA F 201 -19.96 17.29 33.19
CA ALA F 201 -19.49 17.93 34.41
C ALA F 201 -19.81 17.01 35.59
N ALA F 202 -19.08 17.19 36.70
CA ALA F 202 -19.27 16.37 37.90
C ALA F 202 -20.66 16.51 38.48
N ALA F 203 -21.20 17.73 38.45
CA ALA F 203 -22.55 17.96 38.97
C ALA F 203 -23.18 19.21 38.36
N HIS F 204 -22.49 19.89 37.55
#